data_4ZXF
#
_entry.id   4ZXF
#
_cell.length_a   76.760
_cell.length_b   107.130
_cell.length_c   165.450
_cell.angle_alpha   90.00
_cell.angle_beta   90.00
_cell.angle_gamma   90.00
#
_symmetry.space_group_name_H-M   'P 21 21 21'
#
loop_
_entity.id
_entity.type
_entity.pdbx_description
1 polymer 'Monoglyceride lipase'
2 non-polymer 'SULFATE ION'
3 non-polymer 1-{3-[(R)-hydroxy(octadecyloxy)phosphoryl]propyl}triaza-1,2-dien-2-ium
4 non-polymer 'NITRATE ION'
5 water water
#
_entity_poly.entity_id   1
_entity_poly.type   'polypeptide(L)'
_entity_poly.pdbx_seq_one_letter_code
;MSYYHHHHHHDYDIPTTENLYFQGAMGMAPYPYKVQTTVPELQYENFDGAKFGYMFWPVQNGTNEVRGRVLLIHGFGEYT
KIQFRLMDHLSLNGYESFTFDQRGAGVTSPGRSKGVTDEYHVFNDLEHFVEKNLSECKAKGIPLFMWGHSMGGGICLNYA
CQGKHKNEISGYIGSGPLIILHPHTMYNKPTQIIAPLLAKFSPRVRIDTGLDLKGITSDKAYRAFLGSDPMSVPLYGSFR
QIHDFMQRGAKLYKNENNYIQKNFAKDKPVIIMHGQDDTINDPKGSEKFIRDCPSADKELKLYPGARHSIFSLETDKVFN
TVFNDMKQWLDKHTTTEAKP
;
_entity_poly.pdbx_strand_id   A,B,C,D
#
# COMPACT_ATOMS: atom_id res chain seq x y z
N ALA A 29 -35.13 13.34 -34.33
CA ALA A 29 -34.88 11.90 -34.41
C ALA A 29 -34.56 11.31 -33.05
N PRO A 30 -35.25 10.23 -32.68
CA PRO A 30 -35.17 9.65 -31.33
C PRO A 30 -33.86 8.92 -31.04
N TYR A 31 -33.51 8.85 -29.76
CA TYR A 31 -32.36 8.08 -29.30
C TYR A 31 -32.71 6.59 -29.33
N PRO A 32 -32.05 5.85 -30.24
CA PRO A 32 -32.40 4.46 -30.60
C PRO A 32 -32.43 3.47 -29.44
N TYR A 33 -31.66 3.71 -28.38
CA TYR A 33 -31.55 2.75 -27.30
C TYR A 33 -32.62 2.90 -26.23
N LYS A 34 -33.19 1.77 -25.83
CA LYS A 34 -34.16 1.73 -24.75
C LYS A 34 -33.50 1.26 -23.45
N VAL A 35 -33.28 2.21 -22.54
CA VAL A 35 -32.64 1.93 -21.26
C VAL A 35 -33.47 0.96 -20.42
N GLN A 36 -32.82 -0.06 -19.88
CA GLN A 36 -33.52 -1.11 -19.15
C GLN A 36 -33.53 -0.88 -17.65
N THR A 37 -32.66 -0.01 -17.17
CA THR A 37 -32.64 0.34 -15.75
C THR A 37 -33.12 1.78 -15.52
N THR A 38 -33.07 2.23 -14.27
CA THR A 38 -33.52 3.57 -13.92
C THR A 38 -32.43 4.61 -14.14
N VAL A 39 -32.69 5.55 -15.04
CA VAL A 39 -31.74 6.62 -15.33
C VAL A 39 -31.53 7.50 -14.11
N PRO A 40 -30.28 7.63 -13.67
CA PRO A 40 -29.90 8.47 -12.52
C PRO A 40 -30.19 9.94 -12.78
N GLU A 41 -30.23 10.73 -11.70
CA GLU A 41 -30.40 12.16 -11.83
C GLU A 41 -29.10 12.83 -12.26
N LEU A 42 -29.21 13.76 -13.20
CA LEU A 42 -28.07 14.59 -13.59
C LEU A 42 -27.78 15.58 -12.47
N GLN A 43 -26.79 15.25 -11.64
CA GLN A 43 -26.40 16.11 -10.53
C GLN A 43 -25.40 17.18 -10.99
N TYR A 44 -25.08 18.10 -10.11
CA TYR A 44 -24.15 19.18 -10.44
C TYR A 44 -23.15 19.43 -9.32
N GLU A 45 -21.92 19.75 -9.70
CA GLU A 45 -20.88 20.09 -8.74
C GLU A 45 -19.96 21.20 -9.25
N ASN A 46 -19.84 22.25 -8.46
CA ASN A 46 -18.90 23.33 -8.73
C ASN A 46 -17.47 22.92 -8.42
N PHE A 47 -16.57 23.14 -9.37
CA PHE A 47 -15.15 22.94 -9.14
C PHE A 47 -14.31 23.83 -10.05
N ASP A 48 -13.44 24.63 -9.43
CA ASP A 48 -12.46 25.45 -10.14
C ASP A 48 -13.08 26.28 -11.27
N GLY A 49 -14.16 26.98 -10.95
CA GLY A 49 -14.74 27.92 -11.90
C GLY A 49 -15.69 27.32 -12.93
N ALA A 50 -16.10 26.07 -12.70
CA ALA A 50 -17.05 25.42 -13.60
C ALA A 50 -18.09 24.63 -12.82
N LYS A 51 -19.32 24.62 -13.33
CA LYS A 51 -20.40 23.85 -12.71
C LYS A 51 -20.58 22.53 -13.45
N PHE A 52 -19.98 21.47 -12.91
CA PHE A 52 -19.93 20.18 -13.59
C PHE A 52 -21.22 19.39 -13.52
N GLY A 53 -21.72 18.97 -14.67
CA GLY A 53 -22.83 18.04 -14.72
C GLY A 53 -22.30 16.63 -14.68
N TYR A 54 -22.75 15.84 -13.71
CA TYR A 54 -22.25 14.47 -13.58
C TYR A 54 -23.36 13.47 -13.26
N MET A 55 -22.99 12.18 -13.32
CA MET A 55 -23.95 11.10 -13.11
C MET A 55 -23.31 9.90 -12.42
N PHE A 56 -23.92 9.46 -11.32
CA PHE A 56 -23.56 8.18 -10.72
C PHE A 56 -24.63 7.14 -11.04
N TRP A 57 -24.22 6.09 -11.74
CA TRP A 57 -25.17 5.04 -12.12
C TRP A 57 -24.99 3.81 -11.23
N PRO A 58 -25.98 3.54 -10.37
CA PRO A 58 -25.94 2.42 -9.41
C PRO A 58 -26.30 1.08 -10.04
N VAL A 59 -25.75 0.00 -9.50
CA VAL A 59 -26.07 -1.36 -9.95
C VAL A 59 -27.55 -1.66 -9.73
N GLN A 60 -28.20 -2.18 -10.76
CA GLN A 60 -29.63 -2.53 -10.67
C GLN A 60 -29.90 -3.89 -11.28
N ASN A 61 -29.56 -4.94 -10.54
CA ASN A 61 -29.77 -6.32 -10.99
C ASN A 61 -30.42 -7.21 -9.93
N GLY A 62 -30.94 -6.58 -8.88
CA GLY A 62 -31.65 -7.31 -7.84
C GLY A 62 -30.76 -7.80 -6.71
N THR A 63 -29.45 -7.72 -6.90
CA THR A 63 -28.50 -8.08 -5.86
C THR A 63 -27.86 -6.83 -5.28
N ASN A 64 -27.48 -6.89 -4.01
CA ASN A 64 -26.79 -5.78 -3.37
C ASN A 64 -25.28 -5.88 -3.60
N GLU A 65 -24.91 -6.68 -4.58
CA GLU A 65 -23.51 -6.94 -4.89
C GLU A 65 -22.96 -5.99 -5.95
N VAL A 66 -21.82 -5.37 -5.65
CA VAL A 66 -21.13 -4.52 -6.61
C VAL A 66 -19.72 -5.05 -6.85
N ARG A 67 -19.45 -5.46 -8.08
CA ARG A 67 -18.14 -5.99 -8.43
C ARG A 67 -17.11 -4.88 -8.56
N GLY A 68 -17.56 -3.69 -8.94
CA GLY A 68 -16.69 -2.54 -9.07
C GLY A 68 -17.37 -1.35 -9.71
N ARG A 69 -16.64 -0.25 -9.81
CA ARG A 69 -17.16 0.95 -10.45
C ARG A 69 -16.28 1.39 -11.61
N VAL A 70 -16.89 1.81 -12.70
CA VAL A 70 -16.13 2.32 -13.84
C VAL A 70 -16.36 3.82 -14.02
N LEU A 71 -15.27 4.57 -14.06
CA LEU A 71 -15.31 6.00 -14.30
C LEU A 71 -15.15 6.25 -15.80
N LEU A 72 -16.11 6.93 -16.40
CA LEU A 72 -16.16 7.05 -17.86
C LEU A 72 -15.78 8.44 -18.36
N ILE A 73 -14.64 8.51 -19.05
CA ILE A 73 -14.19 9.74 -19.67
C ILE A 73 -14.68 9.81 -21.11
N HIS A 74 -15.66 10.67 -21.37
CA HIS A 74 -16.24 10.80 -22.70
C HIS A 74 -15.25 11.46 -23.66
N GLY A 75 -15.55 11.39 -24.95
CA GLY A 75 -14.73 12.02 -25.97
C GLY A 75 -15.31 13.34 -26.42
N PHE A 76 -14.58 14.01 -27.31
CA PHE A 76 -15.00 15.29 -27.87
C PHE A 76 -16.40 15.21 -28.47
N GLY A 77 -17.24 16.21 -28.17
CA GLY A 77 -18.58 16.28 -28.71
C GLY A 77 -19.60 15.47 -27.93
N GLU A 78 -19.13 14.57 -27.07
CA GLU A 78 -20.02 13.69 -26.33
C GLU A 78 -20.49 14.30 -25.02
N TYR A 79 -21.36 13.58 -24.32
CA TYR A 79 -21.93 14.01 -23.05
C TYR A 79 -22.64 12.82 -22.44
N THR A 80 -23.21 13.00 -21.25
CA THR A 80 -23.73 11.88 -20.45
C THR A 80 -24.60 10.87 -21.20
N LYS A 81 -25.53 11.34 -22.03
CA LYS A 81 -26.47 10.45 -22.70
C LYS A 81 -25.78 9.50 -23.67
N ILE A 82 -24.68 9.95 -24.28
CA ILE A 82 -23.92 9.11 -25.21
C ILE A 82 -23.44 7.84 -24.51
N GLN A 83 -23.15 7.94 -23.22
CA GLN A 83 -22.68 6.80 -22.45
C GLN A 83 -23.79 6.07 -21.69
N PHE A 84 -25.03 6.47 -21.92
CA PHE A 84 -26.19 5.82 -21.32
C PHE A 84 -26.22 4.34 -21.64
N ARG A 85 -25.95 4.02 -22.90
CA ARG A 85 -26.04 2.65 -23.40
C ARG A 85 -25.03 1.74 -22.72
N LEU A 86 -23.84 2.27 -22.43
CA LEU A 86 -22.80 1.50 -21.76
C LEU A 86 -23.08 1.40 -20.26
N MET A 87 -23.51 2.51 -19.67
CA MET A 87 -23.78 2.55 -18.23
C MET A 87 -24.95 1.64 -17.85
N ASP A 88 -25.95 1.59 -18.73
CA ASP A 88 -27.11 0.73 -18.50
C ASP A 88 -26.69 -0.73 -18.39
N HIS A 89 -25.75 -1.13 -19.25
CA HIS A 89 -25.30 -2.52 -19.31
C HIS A 89 -24.36 -2.89 -18.18
N LEU A 90 -23.53 -1.94 -17.75
CA LEU A 90 -22.66 -2.15 -16.59
C LEU A 90 -23.49 -2.37 -15.34
N SER A 91 -24.57 -1.61 -15.21
CA SER A 91 -25.45 -1.67 -14.05
C SER A 91 -26.08 -3.05 -13.92
N LEU A 92 -26.54 -3.58 -15.05
CA LEU A 92 -27.20 -4.88 -15.10
C LEU A 92 -26.22 -6.01 -14.78
N ASN A 93 -24.95 -5.80 -15.06
CA ASN A 93 -23.93 -6.83 -14.87
C ASN A 93 -23.06 -6.62 -13.64
N GLY A 94 -23.57 -5.82 -12.70
CA GLY A 94 -22.95 -5.69 -11.39
C GLY A 94 -21.89 -4.60 -11.26
N TYR A 95 -21.90 -3.64 -12.17
CA TYR A 95 -20.92 -2.55 -12.12
C TYR A 95 -21.58 -1.18 -12.07
N GLU A 96 -21.14 -0.37 -11.12
CA GLU A 96 -21.57 1.02 -11.04
C GLU A 96 -20.83 1.85 -12.08
N SER A 97 -21.40 3.00 -12.44
CA SER A 97 -20.77 3.89 -13.40
C SER A 97 -20.79 5.32 -12.88
N PHE A 98 -19.66 6.01 -13.05
CA PHE A 98 -19.62 7.44 -12.80
C PHE A 98 -19.11 8.13 -14.06
N THR A 99 -19.83 9.17 -14.49
CA THR A 99 -19.39 9.97 -15.61
C THR A 99 -19.72 11.44 -15.35
N PHE A 100 -18.98 12.32 -15.99
CA PHE A 100 -19.21 13.75 -15.86
C PHE A 100 -18.96 14.44 -17.18
N ASP A 101 -19.74 15.47 -17.46
CA ASP A 101 -19.46 16.31 -18.60
C ASP A 101 -18.23 17.14 -18.30
N GLN A 102 -17.17 16.94 -19.09
CA GLN A 102 -15.91 17.64 -18.86
C GLN A 102 -16.04 19.13 -19.17
N ARG A 103 -15.05 19.90 -18.70
CA ARG A 103 -14.99 21.31 -19.01
C ARG A 103 -14.87 21.49 -20.52
N GLY A 104 -15.72 22.34 -21.08
CA GLY A 104 -15.76 22.54 -22.52
C GLY A 104 -16.85 21.69 -23.16
N ALA A 105 -17.49 20.84 -22.37
CA ALA A 105 -18.43 19.87 -22.92
C ALA A 105 -19.80 19.88 -22.23
N GLY A 106 -20.80 19.39 -22.96
CA GLY A 106 -22.14 19.16 -22.44
C GLY A 106 -22.79 20.29 -21.67
N VAL A 107 -23.46 19.93 -20.58
CA VAL A 107 -24.15 20.90 -19.74
C VAL A 107 -23.15 21.73 -18.93
N THR A 108 -21.95 21.20 -18.75
CA THR A 108 -20.93 21.86 -17.95
C THR A 108 -20.47 23.18 -18.58
N SER A 109 -20.23 23.17 -19.88
CA SER A 109 -19.81 24.39 -20.57
C SER A 109 -20.61 24.69 -21.84
N PRO A 110 -21.80 25.29 -21.66
CA PRO A 110 -22.65 25.72 -22.78
C PRO A 110 -22.28 27.12 -23.29
N GLY A 111 -22.84 27.51 -24.44
CA GLY A 111 -22.61 28.83 -25.00
C GLY A 111 -21.18 29.09 -25.41
N ARG A 112 -20.65 30.24 -24.99
CA ARG A 112 -19.29 30.62 -25.34
C ARG A 112 -18.26 29.75 -24.63
N SER A 113 -18.67 29.13 -23.54
CA SER A 113 -17.77 28.27 -22.77
C SER A 113 -17.46 26.97 -23.50
N LYS A 114 -18.28 26.62 -24.48
CA LYS A 114 -18.09 25.37 -25.22
C LYS A 114 -16.79 25.35 -25.99
N GLY A 115 -16.01 24.28 -25.79
CA GLY A 115 -14.74 24.13 -26.45
C GLY A 115 -13.60 24.72 -25.64
N VAL A 116 -13.95 25.44 -24.58
CA VAL A 116 -12.95 26.17 -23.80
C VAL A 116 -12.42 25.36 -22.62
N THR A 117 -11.24 24.78 -22.81
CA THR A 117 -10.54 24.04 -21.77
C THR A 117 -9.09 23.86 -22.21
N ASP A 118 -8.27 23.20 -21.38
CA ASP A 118 -6.88 22.95 -21.75
C ASP A 118 -6.29 21.76 -20.99
N GLU A 119 -5.04 21.44 -21.29
CA GLU A 119 -4.34 20.32 -20.67
C GLU A 119 -4.42 20.34 -19.15
N TYR A 120 -4.19 21.51 -18.57
CA TYR A 120 -4.21 21.66 -17.12
C TYR A 120 -5.55 21.24 -16.54
N HIS A 121 -6.62 21.89 -17.00
CA HIS A 121 -7.96 21.61 -16.48
C HIS A 121 -8.39 20.18 -16.73
N VAL A 122 -8.15 19.68 -17.94
CA VAL A 122 -8.54 18.33 -18.34
C VAL A 122 -8.15 17.30 -17.29
N PHE A 123 -6.92 17.40 -16.80
CA PHE A 123 -6.42 16.45 -15.81
C PHE A 123 -6.73 16.89 -14.38
N ASN A 124 -6.65 18.20 -14.12
CA ASN A 124 -6.96 18.72 -12.80
C ASN A 124 -8.43 18.48 -12.46
N ASP A 125 -9.30 18.60 -13.47
CA ASP A 125 -10.71 18.27 -13.28
C ASP A 125 -10.87 16.77 -13.06
N LEU A 126 -10.09 15.99 -13.81
CA LEU A 126 -10.19 14.53 -13.74
C LEU A 126 -9.73 14.01 -12.39
N GLU A 127 -8.69 14.62 -11.84
CA GLU A 127 -8.19 14.25 -10.53
C GLU A 127 -9.28 14.43 -9.47
N HIS A 128 -10.01 15.54 -9.58
CA HIS A 128 -11.09 15.86 -8.65
C HIS A 128 -12.13 14.74 -8.58
N PHE A 129 -12.51 14.22 -9.74
CA PHE A 129 -13.53 13.19 -9.82
C PHE A 129 -12.97 11.79 -9.59
N VAL A 130 -11.69 11.60 -9.90
CA VAL A 130 -11.02 10.35 -9.56
C VAL A 130 -10.97 10.19 -8.04
N GLU A 131 -10.59 11.28 -7.38
CA GLU A 131 -10.48 11.28 -5.92
C GLU A 131 -11.83 11.10 -5.25
N LYS A 132 -12.86 11.76 -5.78
CA LYS A 132 -14.22 11.59 -5.31
C LYS A 132 -14.63 10.12 -5.38
N ASN A 133 -14.32 9.48 -6.51
CA ASN A 133 -14.72 8.09 -6.74
C ASN A 133 -13.83 7.06 -6.04
N LEU A 134 -12.56 7.38 -5.89
CA LEU A 134 -11.65 6.50 -5.16
C LEU A 134 -12.07 6.39 -3.70
N SER A 135 -12.55 7.51 -3.16
CA SER A 135 -12.98 7.55 -1.77
C SER A 135 -14.24 6.71 -1.55
N GLU A 136 -15.24 6.95 -2.40
CA GLU A 136 -16.50 6.24 -2.29
C GLU A 136 -16.30 4.74 -2.55
N CYS A 137 -15.43 4.41 -3.51
CA CYS A 137 -15.11 3.02 -3.79
C CYS A 137 -14.31 2.39 -2.67
N LYS A 138 -13.44 3.18 -2.05
CA LYS A 138 -12.69 2.73 -0.88
C LYS A 138 -13.65 2.36 0.25
N ALA A 139 -14.68 3.19 0.40
CA ALA A 139 -15.68 3.03 1.46
C ALA A 139 -16.44 1.72 1.37
N LYS A 140 -16.80 1.31 0.16
CA LYS A 140 -17.58 0.08 -0.02
C LYS A 140 -16.71 -1.08 -0.48
N GLY A 141 -15.39 -0.86 -0.48
CA GLY A 141 -14.43 -1.92 -0.76
C GLY A 141 -14.50 -2.49 -2.16
N ILE A 142 -14.65 -1.61 -3.15
CA ILE A 142 -14.73 -2.04 -4.54
C ILE A 142 -13.65 -1.35 -5.39
N PRO A 143 -13.14 -2.05 -6.41
CA PRO A 143 -12.12 -1.49 -7.30
C PRO A 143 -12.68 -0.44 -8.26
N LEU A 144 -11.87 0.56 -8.57
CA LEU A 144 -12.25 1.59 -9.53
C LEU A 144 -11.50 1.42 -10.84
N PHE A 145 -12.24 1.32 -11.94
CA PHE A 145 -11.63 1.21 -13.26
C PHE A 145 -11.81 2.51 -14.04
N MET A 146 -10.90 2.77 -14.98
CA MET A 146 -10.99 3.97 -15.78
C MET A 146 -11.18 3.64 -17.26
N TRP A 147 -12.22 4.23 -17.84
CA TRP A 147 -12.60 3.96 -19.23
C TRP A 147 -12.65 5.28 -20.01
N GLY A 148 -12.19 5.23 -21.26
CA GLY A 148 -12.21 6.42 -22.11
C GLY A 148 -12.47 6.10 -23.56
N HIS A 149 -13.24 6.95 -24.23
CA HIS A 149 -13.47 6.80 -25.67
C HIS A 149 -12.85 7.97 -26.43
N SER A 150 -12.12 7.65 -27.49
CA SER A 150 -11.53 8.65 -28.37
C SER A 150 -10.65 9.64 -27.61
N MET A 151 -11.09 10.89 -27.55
CA MET A 151 -10.42 11.92 -26.76
C MET A 151 -10.30 11.47 -25.30
N GLY A 152 -11.38 10.87 -24.80
CA GLY A 152 -11.39 10.31 -23.46
C GLY A 152 -10.44 9.13 -23.35
N GLY A 153 -10.25 8.41 -24.44
CA GLY A 153 -9.32 7.30 -24.49
C GLY A 153 -7.90 7.82 -24.37
N GLY A 154 -7.61 8.92 -25.07
CA GLY A 154 -6.32 9.55 -24.99
C GLY A 154 -6.01 10.02 -23.58
N ILE A 155 -7.02 10.56 -22.91
CA ILE A 155 -6.89 11.00 -21.53
C ILE A 155 -6.68 9.82 -20.59
N CYS A 156 -7.47 8.77 -20.79
CA CYS A 156 -7.42 7.58 -19.96
C CYS A 156 -6.05 6.93 -19.96
N LEU A 157 -5.49 6.71 -21.14
CA LEU A 157 -4.19 6.08 -21.26
C LEU A 157 -3.08 6.98 -20.73
N ASN A 158 -3.22 8.29 -20.95
CA ASN A 158 -2.25 9.25 -20.46
C ASN A 158 -2.27 9.34 -18.94
N TYR A 159 -3.43 9.09 -18.33
CA TYR A 159 -3.53 9.12 -16.88
C TYR A 159 -2.76 7.95 -16.28
N ALA A 160 -2.79 6.82 -16.99
CA ALA A 160 -2.09 5.62 -16.55
C ALA A 160 -0.58 5.86 -16.47
N CYS A 161 -0.14 6.94 -17.12
CA CYS A 161 1.28 7.32 -17.11
C CYS A 161 1.57 8.51 -16.21
N GLN A 162 0.59 9.40 -16.03
CA GLN A 162 0.86 10.68 -15.36
C GLN A 162 -0.07 11.00 -14.19
N GLY A 163 -1.11 10.20 -13.99
CA GLY A 163 -2.09 10.48 -12.96
C GLY A 163 -1.57 10.40 -11.54
N LYS A 164 -2.01 11.33 -10.70
CA LYS A 164 -1.66 11.33 -9.27
C LYS A 164 -1.98 9.99 -8.61
N HIS A 165 -3.05 9.37 -9.07
CA HIS A 165 -3.54 8.13 -8.47
C HIS A 165 -3.56 6.99 -9.48
N LYS A 166 -2.59 7.02 -10.40
CA LYS A 166 -2.49 6.01 -11.44
C LYS A 166 -2.27 4.62 -10.86
N ASN A 167 -1.68 4.56 -9.66
CA ASN A 167 -1.39 3.30 -9.00
C ASN A 167 -2.56 2.81 -8.16
N GLU A 168 -3.64 3.58 -8.13
CA GLU A 168 -4.80 3.24 -7.34
C GLU A 168 -6.00 2.86 -8.21
N ILE A 169 -5.90 3.16 -9.49
CA ILE A 169 -6.88 2.65 -10.46
C ILE A 169 -6.60 1.17 -10.66
N SER A 170 -7.65 0.37 -10.76
CA SER A 170 -7.48 -1.09 -10.82
C SER A 170 -7.27 -1.61 -12.24
N GLY A 171 -7.64 -0.81 -13.24
CA GLY A 171 -7.50 -1.23 -14.62
C GLY A 171 -7.90 -0.14 -15.59
N TYR A 172 -7.21 -0.10 -16.73
CA TYR A 172 -7.46 0.92 -17.74
C TYR A 172 -8.08 0.33 -19.00
N ILE A 173 -9.11 1.01 -19.50
CA ILE A 173 -9.78 0.59 -20.72
C ILE A 173 -9.83 1.75 -21.71
N GLY A 174 -9.40 1.49 -22.95
CA GLY A 174 -9.47 2.48 -23.99
C GLY A 174 -10.45 2.06 -25.06
N SER A 175 -11.27 3.00 -25.52
CA SER A 175 -12.21 2.73 -26.60
C SER A 175 -11.85 3.58 -27.81
N GLY A 176 -11.24 2.94 -28.81
CA GLY A 176 -10.69 3.63 -29.95
C GLY A 176 -10.00 4.95 -29.60
N PRO A 177 -9.00 4.88 -28.70
CA PRO A 177 -8.38 6.10 -28.15
C PRO A 177 -7.71 6.97 -29.20
N LEU A 178 -7.84 8.28 -29.04
CA LEU A 178 -7.17 9.22 -29.93
C LEU A 178 -5.69 9.25 -29.63
N ILE A 179 -4.93 8.48 -30.40
CA ILE A 179 -3.48 8.50 -30.30
C ILE A 179 -2.93 9.16 -31.57
N ILE A 180 -3.32 8.61 -32.71
CA ILE A 180 -3.11 9.29 -33.98
C ILE A 180 -4.36 9.21 -34.84
N LEU A 181 -4.71 10.34 -35.46
CA LEU A 181 -5.82 10.38 -36.39
C LEU A 181 -5.57 9.42 -37.56
N HIS A 182 -6.63 8.81 -38.06
CA HIS A 182 -6.54 8.01 -39.28
C HIS A 182 -6.26 8.94 -40.46
N PRO A 183 -5.35 8.53 -41.35
CA PRO A 183 -4.98 9.31 -42.54
C PRO A 183 -6.19 9.88 -43.27
N HIS A 184 -7.28 9.12 -43.29
CA HIS A 184 -8.51 9.55 -43.97
C HIS A 184 -9.12 10.80 -43.34
N THR A 185 -9.12 10.87 -42.01
CA THR A 185 -9.66 12.01 -41.31
C THR A 185 -8.81 13.26 -41.53
N MET A 186 -7.49 13.07 -41.51
CA MET A 186 -6.57 14.19 -41.68
C MET A 186 -6.64 14.73 -43.11
N TYR A 187 -6.96 13.86 -44.06
CA TYR A 187 -7.01 14.25 -45.46
C TYR A 187 -8.31 14.99 -45.81
N ASN A 188 -9.42 14.54 -45.23
CA ASN A 188 -10.72 15.14 -45.51
C ASN A 188 -11.07 16.29 -44.56
N LYS A 189 -10.50 16.27 -43.37
CA LYS A 189 -10.69 17.37 -42.43
C LYS A 189 -9.35 17.95 -41.99
N PRO A 190 -8.69 18.70 -42.89
CA PRO A 190 -7.38 19.30 -42.64
C PRO A 190 -7.39 20.31 -41.49
N THR A 191 -8.59 20.75 -41.11
CA THR A 191 -8.76 21.73 -40.04
C THR A 191 -8.15 21.27 -38.72
N GLN A 192 -8.34 19.99 -38.41
CA GLN A 192 -7.86 19.42 -37.15
C GLN A 192 -6.34 19.31 -37.09
N ILE A 193 -5.68 19.60 -38.20
CA ILE A 193 -4.21 19.64 -38.22
C ILE A 193 -3.75 21.07 -38.03
N ILE A 194 -4.26 21.95 -38.89
CA ILE A 194 -3.91 23.36 -38.90
C ILE A 194 -4.21 24.05 -37.57
N ALA A 195 -5.46 23.92 -37.11
CA ALA A 195 -5.92 24.65 -35.93
C ALA A 195 -5.06 24.42 -34.68
N PRO A 196 -4.62 23.17 -34.41
CA PRO A 196 -3.65 23.01 -33.32
C PRO A 196 -2.36 23.82 -33.51
N LEU A 197 -1.88 23.92 -34.75
CA LEU A 197 -0.65 24.65 -35.04
C LEU A 197 -0.80 26.16 -34.77
N LEU A 198 -2.04 26.64 -34.74
CA LEU A 198 -2.30 28.06 -34.57
C LEU A 198 -2.77 28.40 -33.16
N ALA A 199 -2.85 27.39 -32.31
CA ALA A 199 -3.39 27.54 -30.96
C ALA A 199 -2.62 28.53 -30.11
N LYS A 200 -1.30 28.57 -30.31
CA LYS A 200 -0.44 29.45 -29.52
C LYS A 200 -0.77 30.93 -29.77
N PHE A 201 -1.12 31.25 -31.01
CA PHE A 201 -1.41 32.63 -31.38
C PHE A 201 -2.81 33.08 -30.97
N SER A 202 -3.78 32.17 -31.05
CA SER A 202 -5.16 32.48 -30.71
C SER A 202 -5.88 31.28 -30.11
N PRO A 203 -5.62 30.97 -28.84
CA PRO A 203 -6.19 29.78 -28.19
C PRO A 203 -7.70 29.84 -27.96
N ARG A 204 -8.27 31.04 -27.86
CA ARG A 204 -9.69 31.16 -27.53
C ARG A 204 -10.59 30.96 -28.75
N VAL A 205 -10.01 30.99 -29.94
CA VAL A 205 -10.80 30.82 -31.16
C VAL A 205 -11.43 29.44 -31.21
N ARG A 206 -12.76 29.41 -31.34
CA ARG A 206 -13.50 28.15 -31.40
C ARG A 206 -13.93 27.85 -32.83
N ILE A 207 -14.03 26.56 -33.16
CA ILE A 207 -14.28 26.14 -34.54
C ILE A 207 -15.14 24.87 -34.57
N ASP A 208 -15.96 24.75 -35.61
CA ASP A 208 -16.88 23.62 -35.75
C ASP A 208 -16.66 22.94 -37.11
N THR A 209 -16.12 21.73 -37.06
CA THR A 209 -15.78 21.01 -38.29
C THR A 209 -16.80 19.92 -38.63
N GLY A 210 -17.91 19.91 -37.91
CA GLY A 210 -19.01 19.01 -38.20
C GLY A 210 -18.74 17.54 -37.90
N LEU A 211 -19.80 16.75 -37.86
CA LEU A 211 -19.71 15.33 -37.54
C LEU A 211 -19.47 14.45 -38.77
N ASP A 212 -18.47 13.59 -38.70
CA ASP A 212 -18.28 12.54 -39.70
C ASP A 212 -19.19 11.37 -39.32
N LEU A 213 -20.47 11.47 -39.66
CA LEU A 213 -21.48 10.51 -39.23
C LEU A 213 -21.20 9.10 -39.74
N LYS A 214 -20.76 8.99 -40.99
CA LYS A 214 -20.50 7.68 -41.59
C LYS A 214 -19.26 7.04 -41.02
N GLY A 215 -18.30 7.86 -40.59
CA GLY A 215 -17.11 7.37 -39.93
C GLY A 215 -17.37 6.96 -38.50
N ILE A 216 -18.23 7.73 -37.83
CA ILE A 216 -18.56 7.49 -36.43
C ILE A 216 -19.22 6.14 -36.20
N THR A 217 -20.21 5.80 -37.02
CA THR A 217 -20.95 4.55 -36.82
C THR A 217 -21.52 3.99 -38.13
N SER A 218 -21.70 2.67 -38.16
CA SER A 218 -22.27 2.01 -39.32
C SER A 218 -23.79 1.92 -39.21
N ASP A 219 -24.31 2.29 -38.05
CA ASP A 219 -25.74 2.20 -37.79
C ASP A 219 -26.44 3.50 -38.19
N LYS A 220 -27.34 3.40 -39.16
CA LYS A 220 -28.07 4.55 -39.67
C LYS A 220 -28.95 5.21 -38.61
N ALA A 221 -29.48 4.41 -37.69
CA ALA A 221 -30.44 4.91 -36.71
C ALA A 221 -29.78 5.79 -35.65
N TYR A 222 -28.55 5.45 -35.28
CA TYR A 222 -27.80 6.29 -34.34
C TYR A 222 -27.25 7.53 -35.04
N ARG A 223 -26.89 7.37 -36.31
CA ARG A 223 -26.49 8.49 -37.16
C ARG A 223 -27.52 9.61 -37.13
N ALA A 224 -28.75 9.24 -37.44
CA ALA A 224 -29.86 10.17 -37.51
C ALA A 224 -30.06 10.89 -36.18
N PHE A 225 -30.00 10.13 -35.08
CA PHE A 225 -30.10 10.72 -33.77
C PHE A 225 -28.98 11.72 -33.52
N LEU A 226 -27.76 11.34 -33.87
CA LEU A 226 -26.59 12.18 -33.63
C LEU A 226 -26.65 13.48 -34.43
N GLY A 227 -27.02 13.36 -35.69
CA GLY A 227 -27.09 14.52 -36.56
C GLY A 227 -28.29 15.41 -36.27
N SER A 228 -29.17 14.93 -35.41
CA SER A 228 -30.38 15.67 -35.08
C SER A 228 -30.37 16.17 -33.64
N ASP A 229 -29.38 15.72 -32.87
CA ASP A 229 -29.31 16.00 -31.44
C ASP A 229 -28.83 17.41 -31.15
N PRO A 230 -29.69 18.23 -30.51
CA PRO A 230 -29.35 19.59 -30.08
C PRO A 230 -28.15 19.61 -29.14
N MET A 231 -27.97 18.53 -28.39
CA MET A 231 -26.84 18.41 -27.48
C MET A 231 -25.56 17.98 -28.20
N SER A 232 -25.68 17.68 -29.49
CA SER A 232 -24.55 17.24 -30.28
C SER A 232 -24.18 18.24 -31.37
N VAL A 233 -25.16 19.03 -31.81
CA VAL A 233 -24.92 20.03 -32.86
C VAL A 233 -25.47 21.38 -32.43
N PRO A 234 -24.64 22.44 -32.50
CA PRO A 234 -23.26 22.44 -33.01
C PRO A 234 -22.24 21.99 -31.96
N LEU A 235 -21.07 21.56 -32.42
CA LEU A 235 -19.99 21.19 -31.51
C LEU A 235 -18.74 22.01 -31.80
N TYR A 236 -18.45 22.95 -30.91
CA TYR A 236 -17.29 23.82 -31.07
C TYR A 236 -16.11 23.36 -30.23
N GLY A 237 -14.93 23.42 -30.81
CA GLY A 237 -13.71 23.17 -30.08
C GLY A 237 -12.74 24.32 -30.32
N SER A 238 -12.13 24.80 -29.25
CA SER A 238 -11.17 25.90 -29.38
C SER A 238 -9.84 25.36 -29.85
N PHE A 239 -8.97 26.24 -30.33
CA PHE A 239 -7.65 25.84 -30.80
C PHE A 239 -6.84 25.23 -29.66
N ARG A 240 -7.00 25.80 -28.47
CA ARG A 240 -6.29 25.33 -27.29
C ARG A 240 -6.69 23.91 -26.93
N GLN A 241 -8.00 23.69 -26.80
CA GLN A 241 -8.54 22.36 -26.50
C GLN A 241 -8.09 21.32 -27.51
N ILE A 242 -8.25 21.65 -28.79
CA ILE A 242 -7.91 20.73 -29.86
C ILE A 242 -6.42 20.43 -29.92
N HIS A 243 -5.59 21.46 -29.86
CA HIS A 243 -4.14 21.27 -29.81
C HIS A 243 -3.76 20.35 -28.66
N ASP A 244 -4.40 20.57 -27.52
CA ASP A 244 -4.04 19.84 -26.32
C ASP A 244 -4.42 18.36 -26.37
N PHE A 245 -5.58 18.01 -26.95
CA PHE A 245 -5.91 16.58 -27.00
C PHE A 245 -5.26 15.92 -28.22
N MET A 246 -4.87 16.72 -29.20
CA MET A 246 -4.11 16.20 -30.34
C MET A 246 -2.68 15.91 -29.90
N GLN A 247 -2.09 16.84 -29.14
CA GLN A 247 -0.75 16.67 -28.62
C GLN A 247 -0.70 15.50 -27.64
N ARG A 248 -1.84 15.28 -26.97
CA ARG A 248 -1.95 14.25 -25.93
C ARG A 248 -1.69 12.85 -26.48
N GLY A 249 -2.29 12.53 -27.62
CA GLY A 249 -2.15 11.23 -28.23
C GLY A 249 -0.83 11.09 -28.97
N ALA A 250 -0.45 12.14 -29.68
CA ALA A 250 0.81 12.18 -30.42
C ALA A 250 2.00 11.94 -29.48
N LYS A 251 1.85 12.37 -28.23
CA LYS A 251 2.87 12.14 -27.21
C LYS A 251 3.04 10.65 -26.96
N LEU A 252 1.91 9.94 -26.83
CA LEU A 252 1.93 8.50 -26.59
C LEU A 252 2.47 7.77 -27.82
N TYR A 253 2.07 8.23 -29.00
CA TYR A 253 2.50 7.59 -30.24
C TYR A 253 4.00 7.75 -30.45
N LYS A 254 4.51 8.94 -30.16
CA LYS A 254 5.93 9.22 -30.32
C LYS A 254 6.75 8.41 -29.32
N ASN A 255 6.22 8.29 -28.11
CA ASN A 255 6.88 7.57 -27.02
C ASN A 255 8.35 7.95 -26.88
N GLU A 256 8.61 9.25 -26.81
CA GLU A 256 9.97 9.77 -26.78
C GLU A 256 10.70 9.29 -25.53
N ASN A 257 11.87 8.69 -25.75
CA ASN A 257 12.70 8.13 -24.68
C ASN A 257 11.95 7.13 -23.83
N ASN A 258 11.20 6.24 -24.49
CA ASN A 258 10.44 5.18 -23.81
C ASN A 258 9.55 5.69 -22.69
N TYR A 259 8.89 6.82 -22.91
CA TYR A 259 8.02 7.46 -21.95
C TYR A 259 7.01 6.48 -21.34
N ILE A 260 6.41 5.65 -22.19
CA ILE A 260 5.37 4.74 -21.76
C ILE A 260 5.91 3.64 -20.86
N GLN A 261 7.04 3.05 -21.24
CA GLN A 261 7.66 1.99 -20.44
C GLN A 261 8.11 2.50 -19.08
N LYS A 262 8.48 3.77 -19.02
CA LYS A 262 8.99 4.39 -17.79
C LYS A 262 7.89 4.79 -16.82
N ASN A 263 6.75 5.20 -17.37
CA ASN A 263 5.74 5.89 -16.56
C ASN A 263 4.43 5.13 -16.37
N PHE A 264 4.18 4.14 -17.21
CA PHE A 264 2.96 3.33 -17.08
C PHE A 264 2.93 2.69 -15.70
N ALA A 265 1.81 2.82 -15.00
CA ALA A 265 1.67 2.31 -13.65
C ALA A 265 1.96 0.81 -13.62
N LYS A 266 2.91 0.41 -12.78
CA LYS A 266 3.40 -0.96 -12.72
C LYS A 266 2.29 -2.00 -12.59
N ASP A 267 2.35 -3.01 -13.45
CA ASP A 267 1.50 -4.19 -13.34
C ASP A 267 0.01 -3.90 -13.40
N LYS A 268 -0.36 -2.72 -13.91
CA LYS A 268 -1.76 -2.39 -14.12
C LYS A 268 -2.25 -2.97 -15.44
N PRO A 269 -3.38 -3.69 -15.41
CA PRO A 269 -3.95 -4.27 -16.62
C PRO A 269 -4.51 -3.19 -17.53
N VAL A 270 -4.39 -3.41 -18.83
CA VAL A 270 -4.91 -2.44 -19.80
C VAL A 270 -5.48 -3.17 -21.01
N ILE A 271 -6.65 -2.74 -21.47
CA ILE A 271 -7.21 -3.27 -22.71
C ILE A 271 -7.77 -2.15 -23.56
N ILE A 272 -7.51 -2.23 -24.86
CA ILE A 272 -8.09 -1.30 -25.80
C ILE A 272 -9.05 -2.04 -26.73
N MET A 273 -10.25 -1.49 -26.90
CA MET A 273 -11.14 -1.94 -27.96
C MET A 273 -11.10 -0.91 -29.07
N HIS A 274 -10.86 -1.37 -30.29
CA HIS A 274 -10.83 -0.46 -31.44
C HIS A 274 -11.57 -1.09 -32.61
N GLY A 275 -12.57 -0.37 -33.12
CA GLY A 275 -13.27 -0.81 -34.31
C GLY A 275 -12.30 -0.90 -35.47
N GLN A 276 -12.32 -2.01 -36.19
CA GLN A 276 -11.36 -2.24 -37.26
C GLN A 276 -11.59 -1.28 -38.43
N ASP A 277 -12.85 -0.90 -38.65
CA ASP A 277 -13.16 0.06 -39.71
C ASP A 277 -13.15 1.49 -39.20
N ASP A 278 -12.45 1.73 -38.08
CA ASP A 278 -12.33 3.09 -37.57
C ASP A 278 -11.42 3.89 -38.47
N THR A 279 -12.01 4.87 -39.15
CA THR A 279 -11.26 5.75 -40.04
C THR A 279 -11.23 7.17 -39.46
N ILE A 280 -11.45 7.28 -38.17
CA ILE A 280 -11.32 8.55 -37.48
C ILE A 280 -10.07 8.53 -36.62
N ASN A 281 -9.98 7.51 -35.75
CA ASN A 281 -8.76 7.26 -34.99
C ASN A 281 -8.08 5.99 -35.52
N ASP A 282 -6.85 6.13 -35.96
CA ASP A 282 -6.10 5.02 -36.55
C ASP A 282 -5.90 3.90 -35.53
N PRO A 283 -6.41 2.70 -35.84
CA PRO A 283 -6.23 1.51 -35.00
C PRO A 283 -4.75 1.17 -34.81
N LYS A 284 -3.91 1.65 -35.72
CA LYS A 284 -2.48 1.44 -35.64
C LYS A 284 -1.87 2.14 -34.43
N GLY A 285 -2.59 3.10 -33.87
CA GLY A 285 -2.14 3.82 -32.70
C GLY A 285 -2.31 3.00 -31.44
N SER A 286 -3.46 2.35 -31.30
CA SER A 286 -3.71 1.46 -30.18
C SER A 286 -2.73 0.29 -30.24
N GLU A 287 -2.51 -0.18 -31.46
CA GLU A 287 -1.57 -1.27 -31.71
C GLU A 287 -0.18 -0.95 -31.18
N LYS A 288 0.31 0.25 -31.49
CA LYS A 288 1.63 0.64 -31.04
C LYS A 288 1.65 0.89 -29.53
N PHE A 289 0.54 1.39 -28.98
CA PHE A 289 0.50 1.62 -27.54
C PHE A 289 0.59 0.31 -26.77
N ILE A 290 -0.17 -0.69 -27.21
CA ILE A 290 -0.14 -1.99 -26.54
C ILE A 290 1.24 -2.60 -26.65
N ARG A 291 1.84 -2.47 -27.83
CA ARG A 291 3.20 -2.93 -28.05
C ARG A 291 4.16 -2.27 -27.06
N ASP A 292 4.05 -0.95 -26.92
CA ASP A 292 4.95 -0.18 -26.07
C ASP A 292 4.69 -0.38 -24.58
N CYS A 293 3.49 -0.81 -24.23
CA CYS A 293 3.12 -0.99 -22.84
C CYS A 293 3.95 -2.10 -22.18
N PRO A 294 4.52 -1.82 -21.01
CA PRO A 294 5.39 -2.77 -20.31
C PRO A 294 4.64 -3.73 -19.39
N SER A 295 3.36 -3.48 -19.16
CA SER A 295 2.54 -4.34 -18.30
C SER A 295 2.32 -5.72 -18.91
N ALA A 296 2.16 -6.72 -18.05
CA ALA A 296 1.93 -8.10 -18.48
C ALA A 296 0.51 -8.29 -19.02
N ASP A 297 -0.46 -7.75 -18.30
CA ASP A 297 -1.87 -7.89 -18.65
C ASP A 297 -2.29 -6.79 -19.63
N LYS A 298 -2.00 -6.99 -20.92
CA LYS A 298 -2.31 -5.99 -21.93
C LYS A 298 -2.86 -6.63 -23.19
N GLU A 299 -3.87 -6.01 -23.80
CA GLU A 299 -4.46 -6.54 -25.01
C GLU A 299 -5.12 -5.49 -25.89
N LEU A 300 -4.93 -5.64 -27.19
CA LEU A 300 -5.70 -4.89 -28.17
C LEU A 300 -6.76 -5.79 -28.78
N LYS A 301 -7.99 -5.31 -28.82
CA LYS A 301 -9.06 -6.04 -29.47
C LYS A 301 -9.62 -5.23 -30.64
N LEU A 302 -9.47 -5.79 -31.84
CA LEU A 302 -9.98 -5.17 -33.05
C LEU A 302 -11.26 -5.86 -33.48
N TYR A 303 -12.25 -5.07 -33.90
CA TYR A 303 -13.56 -5.60 -34.23
C TYR A 303 -13.94 -5.33 -35.68
N PRO A 304 -14.02 -6.39 -36.48
CA PRO A 304 -14.35 -6.31 -37.91
C PRO A 304 -15.75 -5.74 -38.12
N GLY A 305 -15.91 -4.93 -39.18
CA GLY A 305 -17.21 -4.36 -39.49
C GLY A 305 -17.60 -3.21 -38.60
N ALA A 306 -16.79 -2.95 -37.58
CA ALA A 306 -17.11 -1.93 -36.58
C ALA A 306 -16.31 -0.65 -36.79
N ARG A 307 -16.98 0.48 -36.62
CA ARG A 307 -16.34 1.78 -36.81
C ARG A 307 -16.16 2.49 -35.46
N HIS A 308 -16.03 3.81 -35.50
CA HIS A 308 -15.54 4.55 -34.33
C HIS A 308 -16.25 4.32 -32.98
N SER A 309 -17.50 4.73 -32.86
CA SER A 309 -18.19 4.73 -31.58
C SER A 309 -18.78 3.37 -31.22
N ILE A 310 -17.91 2.38 -30.98
CA ILE A 310 -18.34 1.00 -30.74
C ILE A 310 -19.08 0.76 -29.43
N PHE A 311 -18.98 1.70 -28.49
CA PHE A 311 -19.57 1.53 -27.17
C PHE A 311 -20.86 2.32 -26.99
N SER A 312 -21.24 3.07 -28.01
CA SER A 312 -22.39 3.97 -27.86
C SER A 312 -23.31 4.05 -29.08
N LEU A 313 -22.74 4.22 -30.27
CA LEU A 313 -23.57 4.52 -31.44
C LEU A 313 -23.53 3.47 -32.55
N GLU A 314 -22.87 2.33 -32.27
CA GLU A 314 -22.80 1.27 -33.26
C GLU A 314 -24.04 0.37 -33.23
N THR A 315 -24.01 -0.70 -34.02
CA THR A 315 -25.12 -1.64 -34.08
C THR A 315 -25.18 -2.49 -32.82
N ASP A 316 -26.33 -3.11 -32.59
CA ASP A 316 -26.51 -4.01 -31.45
C ASP A 316 -25.57 -5.19 -31.56
N LYS A 317 -25.30 -5.62 -32.79
CA LYS A 317 -24.37 -6.72 -33.02
C LYS A 317 -22.97 -6.36 -32.52
N VAL A 318 -22.51 -5.18 -32.90
CA VAL A 318 -21.18 -4.71 -32.50
C VAL A 318 -21.10 -4.44 -31.01
N PHE A 319 -22.02 -3.64 -30.49
CA PHE A 319 -22.01 -3.25 -29.08
C PHE A 319 -22.01 -4.46 -28.17
N ASN A 320 -22.85 -5.44 -28.49
CA ASN A 320 -22.93 -6.67 -27.69
C ASN A 320 -21.61 -7.42 -27.68
N THR A 321 -21.00 -7.54 -28.85
CA THR A 321 -19.67 -8.14 -28.96
C THR A 321 -18.67 -7.35 -28.14
N VAL A 322 -18.66 -6.05 -28.38
CA VAL A 322 -17.72 -5.15 -27.73
C VAL A 322 -17.95 -5.05 -26.23
N PHE A 323 -19.21 -5.06 -25.79
CA PHE A 323 -19.49 -4.94 -24.35
C PHE A 323 -19.20 -6.22 -23.59
N ASN A 324 -19.56 -7.37 -24.17
CA ASN A 324 -19.29 -8.66 -23.55
C ASN A 324 -17.81 -8.79 -23.23
N ASP A 325 -16.98 -8.36 -24.17
CA ASP A 325 -15.53 -8.38 -24.00
C ASP A 325 -15.10 -7.52 -22.83
N MET A 326 -15.74 -6.37 -22.65
CA MET A 326 -15.43 -5.50 -21.52
C MET A 326 -15.99 -6.10 -20.22
N LYS A 327 -17.16 -6.70 -20.32
CA LYS A 327 -17.80 -7.32 -19.16
C LYS A 327 -16.96 -8.47 -18.62
N GLN A 328 -16.45 -9.30 -19.53
CA GLN A 328 -15.62 -10.44 -19.15
C GLN A 328 -14.27 -10.00 -18.59
N TRP A 329 -13.68 -8.99 -19.22
CA TRP A 329 -12.40 -8.45 -18.79
C TRP A 329 -12.49 -7.89 -17.37
N LEU A 330 -13.61 -7.24 -17.08
CA LEU A 330 -13.86 -6.68 -15.76
C LEU A 330 -14.12 -7.77 -14.72
N ASP A 331 -14.73 -8.87 -15.14
CA ASP A 331 -14.99 -9.99 -14.25
C ASP A 331 -13.69 -10.69 -13.84
N LYS A 332 -12.75 -10.72 -14.78
CA LYS A 332 -11.46 -11.36 -14.54
C LYS A 332 -10.63 -10.55 -13.54
N HIS A 333 -10.94 -9.27 -13.42
CA HIS A 333 -10.17 -8.39 -12.55
C HIS A 333 -11.02 -7.92 -11.38
N THR A 334 -12.04 -8.70 -11.05
CA THR A 334 -12.88 -8.47 -9.89
C THR A 334 -13.22 -9.81 -9.23
N THR A 335 -13.66 -9.78 -7.97
CA THR A 335 -13.74 -11.01 -7.17
C THR A 335 -15.14 -11.61 -7.06
N THR A 336 -15.94 -11.12 -6.12
CA THR A 336 -17.32 -11.60 -5.95
C THR A 336 -18.29 -10.43 -5.79
N MET B 28 -8.78 14.83 35.02
CA MET B 28 -8.30 15.01 36.38
C MET B 28 -8.10 16.49 36.70
N ALA B 29 -7.04 17.07 36.14
CA ALA B 29 -6.75 18.49 36.34
C ALA B 29 -7.69 19.34 35.49
N PRO B 30 -8.34 20.33 36.12
CA PRO B 30 -9.39 21.13 35.47
C PRO B 30 -8.87 22.08 34.38
N TYR B 31 -9.72 22.36 33.41
CA TYR B 31 -9.43 23.33 32.36
C TYR B 31 -9.24 24.71 32.99
N PRO B 32 -8.01 25.24 32.91
CA PRO B 32 -7.62 26.45 33.65
C PRO B 32 -8.36 27.73 33.25
N TYR B 33 -8.99 27.74 32.08
CA TYR B 33 -9.66 28.95 31.62
C TYR B 33 -11.13 29.02 32.06
N LYS B 34 -11.55 30.22 32.47
CA LYS B 34 -12.93 30.43 32.88
C LYS B 34 -13.70 31.18 31.81
N VAL B 35 -14.58 30.47 31.12
CA VAL B 35 -15.38 31.05 30.04
C VAL B 35 -16.31 32.14 30.55
N GLN B 36 -16.19 33.33 29.96
CA GLN B 36 -16.94 34.51 30.41
C GLN B 36 -18.31 34.61 29.75
N THR B 37 -18.44 34.04 28.55
CA THR B 37 -19.74 34.03 27.86
C THR B 37 -20.37 32.65 28.00
N THR B 38 -21.42 32.39 27.23
CA THR B 38 -22.13 31.12 27.32
C THR B 38 -21.54 30.08 26.38
N VAL B 39 -21.16 28.94 26.94
CA VAL B 39 -20.66 27.81 26.16
C VAL B 39 -21.80 27.19 25.36
N PRO B 40 -21.71 27.25 24.02
CA PRO B 40 -22.77 26.76 23.12
C PRO B 40 -22.98 25.26 23.25
N GLU B 41 -24.15 24.79 22.82
CA GLU B 41 -24.42 23.36 22.80
C GLU B 41 -23.57 22.67 21.74
N LEU B 42 -22.90 21.59 22.15
CA LEU B 42 -22.24 20.72 21.17
C LEU B 42 -23.32 20.07 20.33
N GLN B 43 -23.41 20.47 19.06
CA GLN B 43 -24.40 19.92 18.16
C GLN B 43 -23.78 18.82 17.28
N TYR B 44 -24.62 18.13 16.52
CA TYR B 44 -24.14 17.06 15.66
C TYR B 44 -24.75 17.14 14.27
N GLU B 45 -24.05 16.55 13.30
CA GLU B 45 -24.47 16.58 11.91
C GLU B 45 -23.77 15.50 11.09
N ASN B 46 -24.55 14.74 10.35
CA ASN B 46 -24.01 13.69 9.51
C ASN B 46 -23.51 14.23 8.17
N PHE B 47 -22.30 13.83 7.78
CA PHE B 47 -21.82 14.10 6.44
C PHE B 47 -20.80 13.05 6.00
N ASP B 48 -20.98 12.55 4.78
CA ASP B 48 -20.09 11.58 4.16
C ASP B 48 -19.71 10.43 5.10
N GLY B 49 -20.70 9.90 5.81
CA GLY B 49 -20.50 8.74 6.65
C GLY B 49 -19.86 8.99 8.00
N ALA B 50 -20.09 10.17 8.57
CA ALA B 50 -19.58 10.47 9.91
C ALA B 50 -20.49 11.46 10.63
N LYS B 51 -20.61 11.30 11.94
CA LYS B 51 -21.37 12.25 12.75
C LYS B 51 -20.43 13.26 13.39
N PHE B 52 -20.42 14.47 12.84
CA PHE B 52 -19.53 15.52 13.30
C PHE B 52 -20.06 16.24 14.53
N GLY B 53 -19.22 16.35 15.55
CA GLY B 53 -19.54 17.19 16.68
C GLY B 53 -19.07 18.60 16.38
N TYR B 54 -19.93 19.59 16.60
CA TYR B 54 -19.54 20.96 16.27
C TYR B 54 -20.17 21.99 17.21
N MET B 55 -19.75 23.23 17.05
CA MET B 55 -20.23 24.34 17.87
C MET B 55 -20.34 25.63 17.07
N PHE B 56 -21.43 26.36 17.30
CA PHE B 56 -21.51 27.74 16.84
C PHE B 56 -21.47 28.67 18.03
N TRP B 57 -20.47 29.53 18.09
CA TRP B 57 -20.33 30.45 19.21
C TRP B 57 -20.78 31.86 18.82
N PRO B 58 -21.96 32.26 19.31
CA PRO B 58 -22.53 33.55 18.91
C PRO B 58 -21.87 34.71 19.62
N VAL B 59 -21.88 35.87 18.97
CA VAL B 59 -21.38 37.08 19.60
C VAL B 59 -22.26 37.44 20.78
N GLN B 60 -21.63 37.60 21.94
CA GLN B 60 -22.34 38.05 23.13
C GLN B 60 -21.69 39.35 23.58
N ASN B 61 -22.20 40.44 23.02
CA ASN B 61 -21.50 41.72 22.99
C ASN B 61 -22.19 42.83 23.75
N GLY B 62 -23.52 42.92 23.57
CA GLY B 62 -24.30 44.01 24.10
C GLY B 62 -24.88 44.85 22.98
N VAL B 66 -21.94 42.19 15.28
CA VAL B 66 -21.13 41.16 14.64
C VAL B 66 -20.33 41.76 13.48
N ARG B 67 -19.01 41.67 13.58
CA ARG B 67 -18.12 42.18 12.54
C ARG B 67 -17.73 41.07 11.56
N GLY B 68 -17.85 39.82 12.02
CA GLY B 68 -17.55 38.69 11.19
C GLY B 68 -17.58 37.38 11.94
N ARG B 69 -17.29 36.29 11.23
CA ARG B 69 -17.25 34.97 11.83
C ARG B 69 -15.92 34.30 11.51
N VAL B 70 -15.39 33.54 12.48
CA VAL B 70 -14.17 32.80 12.23
C VAL B 70 -14.43 31.30 12.27
N LEU B 71 -14.04 30.63 11.19
CA LEU B 71 -14.08 29.17 11.12
C LEU B 71 -12.78 28.63 11.70
N LEU B 72 -12.88 27.86 12.78
CA LEU B 72 -11.69 27.37 13.46
C LEU B 72 -11.36 25.92 13.11
N ILE B 73 -10.21 25.74 12.48
CA ILE B 73 -9.74 24.39 12.15
C ILE B 73 -8.70 23.95 13.19
N HIS B 74 -9.04 22.94 13.99
CA HIS B 74 -8.17 22.53 15.10
C HIS B 74 -6.99 21.70 14.61
N GLY B 75 -6.00 21.56 15.48
CA GLY B 75 -4.82 20.77 15.17
C GLY B 75 -4.95 19.34 15.63
N PHE B 76 -3.99 18.52 15.22
CA PHE B 76 -3.93 17.11 15.60
C PHE B 76 -3.94 16.96 17.12
N GLY B 77 -4.91 16.21 17.64
CA GLY B 77 -5.02 15.99 19.07
C GLY B 77 -6.00 16.92 19.75
N GLU B 78 -6.32 18.03 19.08
CA GLU B 78 -7.23 19.00 19.65
C GLU B 78 -8.68 18.64 19.40
N TYR B 79 -9.57 19.45 19.95
CA TYR B 79 -11.02 19.31 19.77
C TYR B 79 -11.66 20.59 20.28
N THR B 80 -12.97 20.62 20.42
CA THR B 80 -13.70 21.86 20.70
C THR B 80 -13.20 22.65 21.91
N LYS B 81 -13.02 21.96 23.04
CA LYS B 81 -12.70 22.62 24.31
C LYS B 81 -11.39 23.41 24.24
N ILE B 82 -10.43 22.91 23.48
CA ILE B 82 -9.13 23.56 23.33
C ILE B 82 -9.30 24.98 22.77
N GLN B 83 -10.34 25.18 21.97
CA GLN B 83 -10.57 26.47 21.34
C GLN B 83 -11.61 27.33 22.07
N PHE B 84 -12.05 26.87 23.25
CA PHE B 84 -12.98 27.63 24.08
C PHE B 84 -12.43 29.02 24.40
N ARG B 85 -11.15 29.04 24.78
CA ARG B 85 -10.44 30.26 25.15
C ARG B 85 -10.48 31.30 24.04
N LEU B 86 -10.15 30.87 22.82
CA LEU B 86 -10.15 31.76 21.67
C LEU B 86 -11.55 32.17 21.28
N MET B 87 -12.50 31.24 21.38
CA MET B 87 -13.87 31.52 21.00
C MET B 87 -14.56 32.46 21.98
N ASP B 88 -14.24 32.31 23.26
CA ASP B 88 -14.83 33.16 24.29
C ASP B 88 -14.40 34.61 24.10
N HIS B 89 -13.13 34.79 23.76
CA HIS B 89 -12.58 36.11 23.51
C HIS B 89 -13.11 36.71 22.22
N LEU B 90 -13.35 35.86 21.23
CA LEU B 90 -13.90 36.32 19.96
C LEU B 90 -15.34 36.80 20.13
N SER B 91 -16.08 36.12 21.00
CA SER B 91 -17.45 36.50 21.28
C SER B 91 -17.52 37.90 21.89
N LEU B 92 -16.69 38.13 22.89
CA LEU B 92 -16.67 39.40 23.62
C LEU B 92 -16.35 40.59 22.72
N ASN B 93 -15.68 40.34 21.61
CA ASN B 93 -15.21 41.40 20.75
C ASN B 93 -15.90 41.44 19.38
N GLY B 94 -17.12 40.93 19.32
CA GLY B 94 -17.95 41.08 18.13
C GLY B 94 -17.65 40.14 16.98
N TYR B 95 -17.08 38.98 17.28
CA TYR B 95 -16.79 37.98 16.25
C TYR B 95 -17.40 36.62 16.60
N GLU B 96 -18.23 36.11 15.69
CA GLU B 96 -18.80 34.78 15.85
C GLU B 96 -17.74 33.72 15.56
N SER B 97 -17.90 32.56 16.18
CA SER B 97 -16.98 31.46 15.96
C SER B 97 -17.72 30.22 15.52
N PHE B 98 -17.06 29.40 14.71
CA PHE B 98 -17.59 28.09 14.38
C PHE B 98 -16.45 27.09 14.32
N THR B 99 -16.64 25.97 14.99
CA THR B 99 -15.65 24.90 14.94
C THR B 99 -16.35 23.54 14.99
N PHE B 100 -15.68 22.53 14.44
CA PHE B 100 -16.18 21.17 14.48
C PHE B 100 -15.02 20.23 14.77
N ASP B 101 -15.31 19.12 15.43
CA ASP B 101 -14.30 18.08 15.59
C ASP B 101 -14.16 17.37 14.25
N GLN B 102 -12.93 17.29 13.76
CA GLN B 102 -12.67 16.75 12.44
C GLN B 102 -12.76 15.23 12.41
N ARG B 103 -12.74 14.67 11.20
CA ARG B 103 -12.78 13.24 11.01
C ARG B 103 -11.50 12.61 11.57
N GLY B 104 -11.65 11.67 12.50
CA GLY B 104 -10.52 11.03 13.12
C GLY B 104 -10.15 11.67 14.45
N ALA B 105 -10.92 12.68 14.85
CA ALA B 105 -10.63 13.40 16.08
C ALA B 105 -11.88 13.66 16.93
N GLY B 106 -11.64 14.05 18.17
CA GLY B 106 -12.69 14.47 19.08
C GLY B 106 -13.87 13.53 19.25
N VAL B 107 -15.07 14.10 19.27
CA VAL B 107 -16.30 13.34 19.45
C VAL B 107 -16.89 12.91 18.10
N THR B 108 -16.28 13.38 17.02
CA THR B 108 -16.70 12.96 15.68
C THR B 108 -16.33 11.51 15.44
N SER B 109 -15.12 11.13 15.85
CA SER B 109 -14.61 9.79 15.58
C SER B 109 -14.00 9.13 16.83
N PRO B 110 -14.85 8.55 17.69
CA PRO B 110 -14.38 7.82 18.86
C PRO B 110 -14.08 6.35 18.57
N GLY B 111 -13.44 5.66 19.50
CA GLY B 111 -13.16 4.24 19.36
C GLY B 111 -12.36 3.88 18.12
N ARG B 112 -12.95 3.04 17.29
CA ARG B 112 -12.30 2.53 16.07
C ARG B 112 -11.90 3.65 15.11
N SER B 113 -12.80 4.59 14.90
CA SER B 113 -12.65 5.60 13.86
C SER B 113 -11.59 6.67 14.19
N LYS B 114 -11.04 6.63 15.40
CA LYS B 114 -10.04 7.60 15.78
C LYS B 114 -8.80 7.47 14.91
N GLY B 115 -8.38 8.60 14.32
CA GLY B 115 -7.22 8.62 13.46
C GLY B 115 -7.57 8.30 12.02
N VAL B 116 -8.75 7.73 11.80
CA VAL B 116 -9.15 7.32 10.45
C VAL B 116 -9.62 8.50 9.60
N THR B 117 -8.71 9.03 8.81
CA THR B 117 -9.02 10.07 7.83
C THR B 117 -7.92 10.11 6.79
N ASP B 118 -8.08 10.98 5.79
CA ASP B 118 -7.09 11.12 4.72
C ASP B 118 -7.25 12.47 4.03
N GLU B 119 -6.39 12.73 3.04
CA GLU B 119 -6.38 14.00 2.32
C GLU B 119 -7.76 14.40 1.78
N TYR B 120 -8.43 13.46 1.12
CA TYR B 120 -9.73 13.73 0.53
C TYR B 120 -10.75 14.14 1.58
N HIS B 121 -10.89 13.33 2.62
CA HIS B 121 -11.87 13.57 3.66
C HIS B 121 -11.60 14.86 4.44
N VAL B 122 -10.33 15.14 4.69
CA VAL B 122 -9.94 16.36 5.39
C VAL B 122 -10.56 17.59 4.74
N PHE B 123 -10.38 17.71 3.42
CA PHE B 123 -10.87 18.87 2.70
C PHE B 123 -12.32 18.73 2.27
N ASN B 124 -12.79 17.51 2.03
CA ASN B 124 -14.19 17.29 1.69
C ASN B 124 -15.11 17.66 2.84
N ASP B 125 -14.69 17.33 4.06
CA ASP B 125 -15.45 17.68 5.25
C ASP B 125 -15.42 19.18 5.47
N LEU B 126 -14.25 19.78 5.28
CA LEU B 126 -14.08 21.22 5.45
C LEU B 126 -14.93 21.98 4.45
N GLU B 127 -14.96 21.51 3.20
CA GLU B 127 -15.76 22.14 2.17
C GLU B 127 -17.24 22.13 2.56
N HIS B 128 -17.68 21.03 3.18
CA HIS B 128 -19.05 20.92 3.67
C HIS B 128 -19.37 22.02 4.67
N PHE B 129 -18.57 22.10 5.72
CA PHE B 129 -18.81 23.06 6.79
C PHE B 129 -18.52 24.50 6.37
N VAL B 130 -17.60 24.68 5.41
CA VAL B 130 -17.34 26.00 4.86
C VAL B 130 -18.61 26.54 4.23
N GLU B 131 -19.29 25.69 3.45
CA GLU B 131 -20.51 26.07 2.77
C GLU B 131 -21.67 26.31 3.74
N LYS B 132 -21.76 25.49 4.78
CA LYS B 132 -22.76 25.68 5.82
C LYS B 132 -22.61 27.05 6.48
N ASN B 133 -21.38 27.45 6.72
CA ASN B 133 -21.09 28.73 7.34
C ASN B 133 -21.16 29.88 6.34
N LEU B 134 -20.68 29.65 5.12
CA LEU B 134 -20.74 30.63 4.06
C LEU B 134 -22.19 31.02 3.78
N SER B 135 -23.08 30.05 3.95
CA SER B 135 -24.52 30.27 3.85
C SER B 135 -25.03 31.14 4.99
N GLU B 136 -24.75 30.72 6.22
CA GLU B 136 -25.21 31.45 7.40
C GLU B 136 -24.61 32.84 7.47
N CYS B 137 -23.45 33.03 6.83
CA CYS B 137 -22.73 34.29 6.90
C CYS B 137 -23.17 35.30 5.83
N LYS B 138 -23.98 34.85 4.88
CA LYS B 138 -24.56 35.78 3.92
C LYS B 138 -25.91 36.24 4.45
N ALA B 139 -26.57 35.37 5.20
CA ALA B 139 -27.85 35.68 5.82
C ALA B 139 -27.69 36.72 6.92
N LYS B 140 -26.44 37.03 7.25
CA LYS B 140 -26.13 38.06 8.23
C LYS B 140 -25.33 39.19 7.60
N GLY B 141 -24.83 38.95 6.39
CA GLY B 141 -24.06 39.95 5.67
C GLY B 141 -22.70 40.17 6.29
N ILE B 142 -22.21 39.17 7.01
CA ILE B 142 -20.92 39.26 7.68
C ILE B 142 -19.87 38.44 6.94
N PRO B 143 -18.62 38.93 6.95
CA PRO B 143 -17.50 38.24 6.32
C PRO B 143 -17.09 36.98 7.08
N LEU B 144 -16.59 35.97 6.38
CA LEU B 144 -16.14 34.73 7.02
C LEU B 144 -14.62 34.59 6.95
N PHE B 145 -14.03 34.23 8.08
CA PHE B 145 -12.58 34.02 8.16
C PHE B 145 -12.24 32.58 8.53
N MET B 146 -11.08 32.12 8.11
CA MET B 146 -10.63 30.76 8.40
C MET B 146 -9.36 30.77 9.24
N TRP B 147 -9.40 30.04 10.35
CA TRP B 147 -8.29 30.00 11.30
C TRP B 147 -7.89 28.56 11.59
N GLY B 148 -6.59 28.29 11.66
CA GLY B 148 -6.11 26.96 11.92
C GLY B 148 -4.84 26.92 12.76
N HIS B 149 -4.80 26.02 13.74
CA HIS B 149 -3.58 25.84 14.54
C HIS B 149 -2.84 24.58 14.14
N SER B 150 -1.52 24.69 14.07
CA SER B 150 -0.63 23.58 13.74
C SER B 150 -1.16 22.84 12.51
N MET B 151 -1.50 21.56 12.70
CA MET B 151 -2.12 20.76 11.64
C MET B 151 -3.22 21.53 10.94
N GLY B 152 -4.10 22.13 11.74
CA GLY B 152 -5.18 22.94 11.22
C GLY B 152 -4.66 24.11 10.40
N GLY B 153 -3.56 24.69 10.87
CA GLY B 153 -2.93 25.77 10.14
C GLY B 153 -2.42 25.33 8.78
N GLY B 154 -1.98 24.08 8.70
CA GLY B 154 -1.56 23.50 7.44
C GLY B 154 -2.74 23.40 6.50
N ILE B 155 -3.87 22.96 7.04
CA ILE B 155 -5.11 22.85 6.27
C ILE B 155 -5.59 24.22 5.81
N CYS B 156 -5.51 25.21 6.70
CA CYS B 156 -5.98 26.55 6.41
C CYS B 156 -5.22 27.19 5.26
N LEU B 157 -3.88 27.12 5.32
CA LEU B 157 -3.03 27.74 4.31
C LEU B 157 -3.16 27.04 2.96
N ASN B 158 -3.39 25.74 2.99
CA ASN B 158 -3.59 24.99 1.76
C ASN B 158 -4.95 25.30 1.14
N TYR B 159 -5.95 25.55 1.97
CA TYR B 159 -7.28 25.88 1.48
C TYR B 159 -7.24 27.17 0.69
N ALA B 160 -6.40 28.10 1.15
CA ALA B 160 -6.21 29.37 0.46
C ALA B 160 -5.61 29.17 -0.93
N CYS B 161 -5.16 27.95 -1.22
CA CYS B 161 -4.55 27.63 -2.50
C CYS B 161 -5.42 26.70 -3.35
N GLN B 162 -6.13 25.78 -2.72
CA GLN B 162 -6.84 24.73 -3.43
C GLN B 162 -8.34 24.69 -3.16
N GLY B 163 -8.75 25.29 -2.04
CA GLY B 163 -10.14 25.25 -1.61
C GLY B 163 -11.13 25.81 -2.62
N LYS B 164 -12.31 25.20 -2.65
CA LYS B 164 -13.39 25.62 -3.55
C LYS B 164 -13.70 27.11 -3.42
N HIS B 165 -14.04 27.53 -2.21
CA HIS B 165 -14.48 28.89 -1.97
C HIS B 165 -13.36 29.78 -1.43
N LYS B 166 -12.15 29.55 -1.94
CA LYS B 166 -10.97 30.24 -1.44
C LYS B 166 -10.99 31.75 -1.72
N ASN B 167 -11.68 32.16 -2.79
CA ASN B 167 -11.77 33.58 -3.13
C ASN B 167 -12.94 34.25 -2.41
N GLU B 168 -13.67 33.46 -1.62
CA GLU B 168 -14.84 33.96 -0.91
C GLU B 168 -14.54 34.11 0.57
N ILE B 169 -13.52 33.40 1.04
CA ILE B 169 -13.01 33.58 2.38
C ILE B 169 -12.44 34.98 2.49
N SER B 170 -12.80 35.69 3.56
CA SER B 170 -12.35 37.06 3.72
C SER B 170 -10.88 37.16 4.08
N GLY B 171 -10.39 36.23 4.89
CA GLY B 171 -9.00 36.26 5.32
C GLY B 171 -8.52 34.96 5.92
N TYR B 172 -7.21 34.75 5.92
CA TYR B 172 -6.63 33.52 6.44
C TYR B 172 -5.68 33.78 7.60
N ILE B 173 -5.92 33.10 8.71
CA ILE B 173 -5.05 33.16 9.86
C ILE B 173 -4.44 31.80 10.16
N GLY B 174 -3.13 31.76 10.27
CA GLY B 174 -2.44 30.53 10.62
C GLY B 174 -1.83 30.64 12.01
N SER B 175 -2.03 29.63 12.83
CA SER B 175 -1.49 29.64 14.19
C SER B 175 -0.44 28.56 14.35
N GLY B 176 0.82 28.98 14.39
CA GLY B 176 1.96 28.07 14.41
C GLY B 176 1.78 26.87 13.50
N PRO B 177 1.47 27.12 12.21
CA PRO B 177 0.95 26.07 11.32
C PRO B 177 2.01 25.04 10.93
N LEU B 178 1.59 23.78 10.88
CA LEU B 178 2.48 22.69 10.50
C LEU B 178 2.84 22.77 9.02
N ILE B 179 4.04 23.27 8.75
CA ILE B 179 4.59 23.27 7.40
C ILE B 179 5.79 22.35 7.38
N ILE B 180 6.80 22.68 8.18
CA ILE B 180 7.90 21.76 8.43
C ILE B 180 8.07 21.58 9.93
N LEU B 181 8.28 20.33 10.35
CA LEU B 181 8.57 20.05 11.73
C LEU B 181 9.89 20.68 12.13
N HIS B 182 9.95 21.18 13.37
CA HIS B 182 11.18 21.69 13.92
C HIS B 182 12.14 20.52 14.16
N PRO B 183 13.45 20.74 13.96
CA PRO B 183 14.43 19.67 14.15
C PRO B 183 14.33 19.00 15.52
N HIS B 184 14.03 19.77 16.56
CA HIS B 184 13.92 19.23 17.91
C HIS B 184 12.88 18.11 18.00
N THR B 185 11.84 18.20 17.20
CA THR B 185 10.77 17.21 17.19
C THR B 185 11.13 16.00 16.33
N MET B 186 11.81 16.26 15.22
CA MET B 186 12.27 15.17 14.35
C MET B 186 13.42 14.41 15.00
N TYR B 187 14.13 15.08 15.91
CA TYR B 187 15.22 14.45 16.65
C TYR B 187 14.68 13.58 17.78
N ASN B 188 13.79 14.15 18.60
CA ASN B 188 13.30 13.47 19.80
C ASN B 188 12.07 12.60 19.57
N LYS B 189 11.41 12.78 18.42
CA LYS B 189 10.27 11.94 18.08
C LYS B 189 10.40 11.42 16.65
N PRO B 190 11.39 10.54 16.42
CA PRO B 190 11.70 10.03 15.08
C PRO B 190 10.56 9.25 14.46
N THR B 191 9.58 8.86 15.27
CA THR B 191 8.48 8.04 14.79
C THR B 191 7.51 8.85 13.93
N GLN B 192 7.54 10.16 14.11
CA GLN B 192 6.71 11.07 13.30
C GLN B 192 7.23 11.14 11.87
N ILE B 193 8.35 10.46 11.63
CA ILE B 193 8.93 10.31 10.31
C ILE B 193 8.61 8.90 9.81
N ILE B 194 8.59 7.96 10.74
CA ILE B 194 8.30 6.57 10.43
C ILE B 194 6.91 6.39 9.85
N ALA B 195 5.91 6.97 10.52
CA ALA B 195 4.53 6.84 10.12
C ALA B 195 4.27 7.27 8.66
N PRO B 196 4.75 8.46 8.24
CA PRO B 196 4.51 8.80 6.84
C PRO B 196 5.26 7.89 5.85
N LEU B 197 6.44 7.41 6.22
CA LEU B 197 7.18 6.48 5.37
C LEU B 197 6.40 5.18 5.20
N LEU B 198 5.81 4.71 6.30
CA LEU B 198 5.15 3.40 6.32
C LEU B 198 3.70 3.45 5.86
N ALA B 199 3.17 4.65 5.66
CA ALA B 199 1.78 4.83 5.27
C ALA B 199 1.45 4.11 3.96
N LYS B 200 2.46 3.97 3.10
CA LYS B 200 2.28 3.35 1.79
C LYS B 200 2.31 1.82 1.87
N PHE B 201 2.70 1.29 3.02
CA PHE B 201 2.73 -0.16 3.22
C PHE B 201 1.61 -0.62 4.15
N SER B 202 1.29 0.21 5.12
CA SER B 202 0.28 -0.14 6.13
C SER B 202 -0.51 1.11 6.53
N PRO B 203 -1.39 1.57 5.64
CA PRO B 203 -2.10 2.85 5.79
C PRO B 203 -2.94 2.95 7.05
N ARG B 204 -3.58 1.85 7.42
CA ARG B 204 -4.60 1.88 8.45
C ARG B 204 -4.07 1.59 9.85
N VAL B 205 -2.77 1.40 9.97
CA VAL B 205 -2.14 1.26 11.29
C VAL B 205 -2.31 2.53 12.10
N ARG B 206 -2.82 2.39 13.32
CA ARG B 206 -2.98 3.53 14.21
C ARG B 206 -1.85 3.56 15.24
N ILE B 207 -1.36 4.76 15.54
CA ILE B 207 -0.22 4.92 16.42
C ILE B 207 -0.45 5.96 17.50
N ASP B 208 0.07 5.69 18.70
CA ASP B 208 -0.01 6.63 19.81
C ASP B 208 1.36 7.14 20.22
N THR B 209 1.72 8.30 19.68
CA THR B 209 2.86 9.04 20.18
C THR B 209 2.37 9.81 21.40
N GLY B 210 3.22 9.98 22.41
CA GLY B 210 2.85 10.75 23.58
C GLY B 210 2.72 12.22 23.23
N LEU B 211 2.53 13.05 24.25
CA LEU B 211 2.47 14.49 24.04
C LEU B 211 3.78 15.13 24.48
N ASP B 212 4.14 16.22 23.82
CA ASP B 212 5.27 17.03 24.24
C ASP B 212 4.74 18.24 25.01
N LEU B 213 4.33 17.99 26.26
CA LEU B 213 3.71 19.00 27.10
C LEU B 213 4.57 20.25 27.27
N LYS B 214 5.88 20.05 27.41
CA LYS B 214 6.80 21.17 27.55
C LYS B 214 6.98 21.91 26.23
N GLY B 215 6.87 21.18 25.13
CA GLY B 215 6.97 21.76 23.80
C GLY B 215 5.71 22.52 23.40
N ILE B 216 4.57 22.07 23.92
CA ILE B 216 3.27 22.62 23.55
C ILE B 216 2.99 23.98 24.19
N THR B 217 3.34 24.13 25.46
CA THR B 217 3.14 25.39 26.17
C THR B 217 4.08 25.55 27.36
N SER B 218 4.33 26.79 27.74
CA SER B 218 5.17 27.08 28.88
C SER B 218 4.35 27.21 30.17
N ASP B 219 3.03 27.29 30.00
CA ASP B 219 2.15 27.37 31.15
C ASP B 219 1.91 25.98 31.73
N LYS B 220 2.20 25.83 33.01
CA LYS B 220 2.13 24.54 33.68
C LYS B 220 0.70 24.09 33.96
N ALA B 221 -0.19 25.05 34.18
CA ALA B 221 -1.59 24.75 34.48
C ALA B 221 -2.30 24.12 33.29
N TYR B 222 -1.87 24.49 32.09
CA TYR B 222 -2.45 23.95 30.87
C TYR B 222 -1.80 22.62 30.51
N ARG B 223 -0.53 22.46 30.88
CA ARG B 223 0.14 21.17 30.78
C ARG B 223 -0.60 20.13 31.60
N ALA B 224 -0.84 20.49 32.87
CA ALA B 224 -1.53 19.62 33.81
C ALA B 224 -2.91 19.22 33.32
N PHE B 225 -3.63 20.18 32.76
CA PHE B 225 -4.92 19.90 32.14
C PHE B 225 -4.76 18.90 31.00
N LEU B 226 -3.77 19.15 30.16
CA LEU B 226 -3.58 18.36 28.94
C LEU B 226 -3.20 16.91 29.23
N GLY B 227 -2.17 16.72 30.05
CA GLY B 227 -1.70 15.39 30.39
C GLY B 227 -2.71 14.56 31.16
N SER B 228 -3.75 15.21 31.67
CA SER B 228 -4.76 14.54 32.47
C SER B 228 -6.10 14.44 31.75
N ASP B 229 -6.16 15.00 30.54
CA ASP B 229 -7.41 15.09 29.79
C ASP B 229 -7.68 13.84 28.94
N PRO B 230 -8.71 13.06 29.31
CA PRO B 230 -9.13 11.85 28.58
C PRO B 230 -9.30 12.09 27.08
N MET B 231 -9.72 13.30 26.71
CA MET B 231 -9.96 13.64 25.31
C MET B 231 -8.68 14.00 24.57
N SER B 232 -7.58 14.19 25.30
CA SER B 232 -6.32 14.57 24.68
C SER B 232 -5.27 13.47 24.84
N VAL B 233 -5.43 12.66 25.88
CA VAL B 233 -4.50 11.58 26.17
C VAL B 233 -5.26 10.28 26.36
N PRO B 234 -4.89 9.23 25.61
CA PRO B 234 -3.80 9.21 24.63
C PRO B 234 -4.19 9.77 23.25
N LEU B 235 -3.18 10.05 22.43
CA LEU B 235 -3.39 10.64 21.11
C LEU B 235 -3.13 9.64 19.99
N TYR B 236 -4.17 9.34 19.21
CA TYR B 236 -4.07 8.35 18.16
C TYR B 236 -4.09 8.95 16.76
N GLY B 237 -3.45 8.24 15.84
CA GLY B 237 -3.42 8.65 14.45
C GLY B 237 -3.06 7.50 13.53
N SER B 238 -3.67 7.47 12.36
CA SER B 238 -3.33 6.47 11.36
C SER B 238 -2.09 6.95 10.61
N PHE B 239 -1.36 6.01 10.01
CA PHE B 239 -0.20 6.36 9.20
C PHE B 239 -0.63 7.23 8.02
N ARG B 240 -1.79 6.90 7.45
CA ARG B 240 -2.37 7.66 6.34
C ARG B 240 -2.66 9.10 6.73
N GLN B 241 -3.38 9.28 7.83
CA GLN B 241 -3.72 10.61 8.34
C GLN B 241 -2.47 11.44 8.59
N ILE B 242 -1.51 10.82 9.27
CA ILE B 242 -0.27 11.50 9.62
C ILE B 242 0.58 11.79 8.38
N HIS B 243 0.66 10.82 7.48
CA HIS B 243 1.36 11.03 6.21
C HIS B 243 0.80 12.23 5.47
N ASP B 244 -0.52 12.35 5.46
CA ASP B 244 -1.19 13.34 4.63
C ASP B 244 -1.02 14.77 5.13
N PHE B 245 -1.08 15.00 6.44
CA PHE B 245 -0.91 16.37 6.90
C PHE B 245 0.57 16.72 7.01
N MET B 246 1.42 15.70 7.04
CA MET B 246 2.86 15.91 6.96
C MET B 246 3.21 16.38 5.55
N GLN B 247 2.74 15.62 4.56
CA GLN B 247 3.06 15.87 3.16
C GLN B 247 2.54 17.21 2.65
N ARG B 248 1.29 17.54 2.98
CA ARG B 248 0.68 18.78 2.50
C ARG B 248 1.34 20.00 3.15
N GLY B 249 2.02 19.77 4.26
CA GLY B 249 2.82 20.81 4.91
C GLY B 249 4.15 20.95 4.20
N ALA B 250 4.78 19.82 3.90
CA ALA B 250 6.04 19.80 3.18
C ALA B 250 5.86 20.41 1.80
N LYS B 251 4.71 20.13 1.19
CA LYS B 251 4.36 20.66 -0.12
C LYS B 251 4.50 22.17 -0.20
N LEU B 252 3.97 22.85 0.82
CA LEU B 252 4.05 24.31 0.89
C LEU B 252 5.48 24.79 1.02
N TYR B 253 6.30 24.04 1.75
CA TYR B 253 7.68 24.42 1.99
C TYR B 253 8.51 24.29 0.72
N LYS B 254 8.38 23.15 0.05
CA LYS B 254 9.12 22.91 -1.19
C LYS B 254 8.71 23.91 -2.25
N ASN B 255 7.44 24.27 -2.26
CA ASN B 255 6.86 25.22 -3.22
C ASN B 255 7.30 24.93 -4.65
N GLU B 256 7.08 23.69 -5.08
CA GLU B 256 7.51 23.25 -6.39
C GLU B 256 6.77 24.02 -7.49
N ASN B 257 7.52 24.52 -8.47
CA ASN B 257 6.97 25.30 -9.58
C ASN B 257 6.07 26.44 -9.12
N ASN B 258 6.53 27.18 -8.12
CA ASN B 258 5.81 28.33 -7.57
C ASN B 258 4.34 28.06 -7.30
N TYR B 259 4.03 26.88 -6.77
CA TYR B 259 2.66 26.45 -6.51
C TYR B 259 1.86 27.49 -5.73
N ILE B 260 2.48 28.06 -4.71
CA ILE B 260 1.82 29.08 -3.89
C ILE B 260 1.52 30.34 -4.71
N GLN B 261 2.52 30.83 -5.43
CA GLN B 261 2.36 32.04 -6.23
C GLN B 261 1.26 31.92 -7.28
N LYS B 262 0.98 30.69 -7.70
CA LYS B 262 0.07 30.45 -8.81
C LYS B 262 -1.35 30.09 -8.37
N ASN B 263 -1.49 29.50 -7.18
CA ASN B 263 -2.79 29.01 -6.74
C ASN B 263 -3.35 29.73 -5.51
N PHE B 264 -2.54 30.56 -4.87
CA PHE B 264 -3.01 31.31 -3.71
C PHE B 264 -4.08 32.31 -4.13
N ALA B 265 -5.20 32.31 -3.42
CA ALA B 265 -6.32 33.20 -3.70
C ALA B 265 -5.87 34.64 -3.84
N LYS B 266 -6.17 35.23 -4.99
CA LYS B 266 -5.65 36.54 -5.38
C LYS B 266 -5.90 37.63 -4.33
N ASP B 267 -4.81 38.20 -3.82
CA ASP B 267 -4.84 39.37 -2.95
C ASP B 267 -5.68 39.17 -1.68
N LYS B 268 -5.77 37.93 -1.20
CA LYS B 268 -6.41 37.67 0.08
C LYS B 268 -5.44 37.97 1.22
N PRO B 269 -5.97 38.53 2.32
CA PRO B 269 -5.12 38.84 3.48
C PRO B 269 -4.69 37.60 4.25
N VAL B 270 -3.40 37.50 4.55
CA VAL B 270 -2.89 36.39 5.36
C VAL B 270 -2.10 36.91 6.54
N ILE B 271 -2.28 36.26 7.68
CA ILE B 271 -1.42 36.51 8.83
C ILE B 271 -1.13 35.20 9.54
N ILE B 272 0.13 35.03 9.93
CA ILE B 272 0.54 33.87 10.71
C ILE B 272 1.11 34.30 12.05
N MET B 273 0.50 33.82 13.12
CA MET B 273 1.09 33.96 14.45
C MET B 273 1.89 32.71 14.76
N HIS B 274 3.14 32.91 15.19
CA HIS B 274 4.01 31.77 15.47
C HIS B 274 4.88 32.07 16.68
N GLY B 275 4.84 31.16 17.66
CA GLY B 275 5.67 31.28 18.84
C GLY B 275 7.13 31.23 18.44
N GLN B 276 7.93 32.13 19.00
CA GLN B 276 9.36 32.19 18.70
C GLN B 276 10.05 30.92 19.19
N ASP B 277 9.60 30.40 20.32
CA ASP B 277 10.22 29.24 20.92
C ASP B 277 9.46 27.96 20.62
N ASP B 278 8.67 28.00 19.55
CA ASP B 278 7.99 26.81 19.05
C ASP B 278 9.05 25.84 18.53
N THR B 279 9.26 24.75 19.26
CA THR B 279 10.20 23.72 18.83
C THR B 279 9.46 22.48 18.40
N ILE B 280 8.20 22.66 18.00
CA ILE B 280 7.41 21.57 17.43
C ILE B 280 7.25 21.80 15.94
N ASN B 281 6.70 22.95 15.58
CA ASN B 281 6.68 23.39 14.19
C ASN B 281 7.69 24.52 14.00
N ASP B 282 8.50 24.42 12.96
CA ASP B 282 9.58 25.38 12.73
C ASP B 282 9.06 26.68 12.13
N PRO B 283 9.39 27.82 12.77
CA PRO B 283 9.10 29.16 12.26
C PRO B 283 9.59 29.39 10.83
N LYS B 284 10.64 28.66 10.42
CA LYS B 284 11.14 28.74 9.06
C LYS B 284 10.04 28.49 8.03
N GLY B 285 9.17 27.54 8.33
CA GLY B 285 8.06 27.21 7.46
C GLY B 285 7.14 28.40 7.26
N SER B 286 6.75 29.04 8.37
CA SER B 286 5.89 30.22 8.31
C SER B 286 6.62 31.38 7.64
N GLU B 287 7.93 31.45 7.85
CA GLU B 287 8.75 32.50 7.26
C GLU B 287 8.82 32.38 5.75
N LYS B 288 9.04 31.15 5.27
CA LYS B 288 9.15 30.93 3.83
C LYS B 288 7.82 31.08 3.13
N PHE B 289 6.73 30.73 3.82
CA PHE B 289 5.41 30.85 3.24
C PHE B 289 5.07 32.30 2.92
N ILE B 290 5.26 33.18 3.91
CA ILE B 290 4.97 34.60 3.73
C ILE B 290 5.83 35.18 2.62
N ARG B 291 7.08 34.74 2.57
CA ARG B 291 7.99 35.16 1.52
C ARG B 291 7.43 34.81 0.14
N ASP B 292 6.90 33.61 0.00
CA ASP B 292 6.40 33.11 -1.27
C ASP B 292 5.00 33.62 -1.60
N CYS B 293 4.22 33.94 -0.57
CA CYS B 293 2.84 34.36 -0.74
C CYS B 293 2.73 35.56 -1.67
N PRO B 294 1.90 35.43 -2.73
CA PRO B 294 1.76 36.45 -3.78
C PRO B 294 0.90 37.63 -3.35
N SER B 295 0.18 37.48 -2.23
CA SER B 295 -0.74 38.51 -1.77
C SER B 295 -0.01 39.74 -1.25
N ALA B 296 -0.65 40.90 -1.41
CA ALA B 296 -0.10 42.15 -0.91
C ALA B 296 -0.30 42.23 0.60
N ASP B 297 -1.49 41.85 1.05
CA ASP B 297 -1.83 41.90 2.46
C ASP B 297 -1.38 40.62 3.16
N LYS B 298 -0.10 40.56 3.51
CA LYS B 298 0.45 39.37 4.15
C LYS B 298 1.38 39.74 5.30
N GLU B 299 1.43 38.91 6.33
CA GLU B 299 2.28 39.19 7.48
C GLU B 299 2.59 37.96 8.34
N LEU B 300 3.81 37.93 8.86
CA LEU B 300 4.22 36.94 9.85
C LEU B 300 4.51 37.63 11.18
N LYS B 301 3.97 37.07 12.26
CA LYS B 301 4.26 37.59 13.59
C LYS B 301 4.87 36.51 14.47
N LEU B 302 6.13 36.71 14.85
CA LEU B 302 6.84 35.81 15.75
C LEU B 302 6.76 36.35 17.17
N TYR B 303 6.35 35.50 18.11
CA TYR B 303 6.15 35.95 19.48
C TYR B 303 7.21 35.42 20.44
N PRO B 304 8.06 36.34 20.94
CA PRO B 304 9.13 36.03 21.90
C PRO B 304 8.61 35.36 23.16
N GLY B 305 9.27 34.30 23.59
CA GLY B 305 8.88 33.60 24.81
C GLY B 305 7.75 32.61 24.59
N ALA B 306 6.99 32.81 23.53
CA ALA B 306 5.84 31.94 23.24
C ALA B 306 6.30 30.61 22.68
N ARG B 307 5.56 29.56 22.99
CA ARG B 307 5.84 28.22 22.41
C ARG B 307 4.60 27.83 21.57
N HIS B 308 4.44 26.53 21.33
CA HIS B 308 3.55 26.06 20.30
C HIS B 308 2.08 26.59 20.27
N SER B 309 1.28 26.19 21.25
CA SER B 309 -0.15 26.50 21.26
C SER B 309 -0.45 27.87 21.84
N ILE B 310 -0.03 28.92 21.14
CA ILE B 310 -0.18 30.30 21.61
C ILE B 310 -1.62 30.76 21.80
N PHE B 311 -2.54 30.16 21.05
CA PHE B 311 -3.93 30.62 21.02
C PHE B 311 -4.86 29.87 21.98
N SER B 312 -4.33 28.85 22.67
CA SER B 312 -5.20 27.99 23.48
C SER B 312 -4.61 27.61 24.84
N LEU B 313 -3.38 27.12 24.85
CA LEU B 313 -2.81 26.55 26.08
C LEU B 313 -1.65 27.34 26.67
N GLU B 314 -1.40 28.54 26.16
CA GLU B 314 -0.27 29.32 26.64
C GLU B 314 -0.60 30.18 27.84
N THR B 315 0.41 30.89 28.32
CA THR B 315 0.25 31.81 29.45
C THR B 315 -0.63 32.99 29.06
N ASP B 316 -1.30 33.57 30.05
CA ASP B 316 -2.20 34.69 29.82
C ASP B 316 -1.49 35.88 29.21
N LYS B 317 -0.20 36.03 29.51
CA LYS B 317 0.63 37.04 28.88
C LYS B 317 0.73 36.79 27.38
N VAL B 318 1.11 35.57 27.02
CA VAL B 318 1.26 35.19 25.62
C VAL B 318 -0.07 35.28 24.87
N PHE B 319 -1.12 34.70 25.43
CA PHE B 319 -2.42 34.67 24.76
C PHE B 319 -2.93 36.06 24.42
N ASN B 320 -2.95 36.93 25.42
CA ASN B 320 -3.46 38.29 25.26
C ASN B 320 -2.72 39.05 24.16
N THR B 321 -1.39 38.96 24.17
CA THR B 321 -0.58 39.58 23.13
C THR B 321 -0.97 39.03 21.76
N VAL B 322 -1.00 37.71 21.66
CA VAL B 322 -1.32 37.03 20.42
C VAL B 322 -2.77 37.27 19.99
N PHE B 323 -3.69 37.21 20.94
CA PHE B 323 -5.11 37.41 20.60
C PHE B 323 -5.41 38.83 20.14
N ASN B 324 -4.89 39.82 20.88
CA ASN B 324 -5.15 41.22 20.56
C ASN B 324 -4.65 41.57 19.16
N ASP B 325 -3.56 40.92 18.76
CA ASP B 325 -3.05 41.07 17.40
C ASP B 325 -4.06 40.57 16.38
N MET B 326 -4.59 39.37 16.63
CA MET B 326 -5.62 38.79 15.77
C MET B 326 -6.86 39.68 15.71
N LYS B 327 -7.22 40.24 16.86
CA LYS B 327 -8.38 41.11 16.97
C LYS B 327 -8.20 42.36 16.12
N GLN B 328 -7.03 42.99 16.24
CA GLN B 328 -6.69 44.15 15.42
C GLN B 328 -6.69 43.80 13.94
N TRP B 329 -6.13 42.64 13.61
CA TRP B 329 -6.08 42.16 12.24
C TRP B 329 -7.50 41.95 11.71
N LEU B 330 -8.34 41.36 12.54
CA LEU B 330 -9.74 41.14 12.18
C LEU B 330 -10.47 42.46 11.98
N ASP B 331 -10.19 43.42 12.85
CA ASP B 331 -10.87 44.72 12.82
C ASP B 331 -10.50 45.54 11.59
N LYS B 332 -9.23 45.46 11.18
CA LYS B 332 -8.77 46.20 10.01
C LYS B 332 -9.14 45.49 8.71
N HIS B 333 -9.84 44.36 8.85
CA HIS B 333 -10.32 43.61 7.70
C HIS B 333 -11.83 43.41 7.78
N THR B 334 -12.49 44.24 8.58
CA THR B 334 -13.94 44.23 8.70
C THR B 334 -14.48 45.65 8.73
N THR B 335 -15.80 45.79 8.58
CA THR B 335 -16.43 47.11 8.57
C THR B 335 -17.67 47.10 9.47
N THR B 336 -17.93 48.22 10.14
CA THR B 336 -18.95 48.30 11.17
C THR B 336 -20.37 48.24 10.56
N GLU B 337 -21.38 48.24 11.42
CA GLU B 337 -22.81 48.15 11.10
C GLU B 337 -23.24 46.70 10.91
N MET C 28 43.08 -13.16 -2.85
CA MET C 28 43.45 -13.89 -1.65
C MET C 28 43.14 -15.39 -1.77
N ALA C 29 41.99 -15.68 -2.36
CA ALA C 29 41.58 -17.03 -2.68
C ALA C 29 41.26 -17.11 -4.17
N PRO C 30 41.75 -18.14 -4.84
CA PRO C 30 41.54 -18.36 -6.28
C PRO C 30 40.16 -18.91 -6.58
N TYR C 31 39.64 -18.58 -7.76
CA TYR C 31 38.39 -19.16 -8.24
C TYR C 31 38.57 -20.67 -8.35
N PRO C 32 37.89 -21.42 -7.46
CA PRO C 32 38.11 -22.86 -7.30
C PRO C 32 37.91 -23.67 -8.59
N TYR C 33 36.94 -23.27 -9.40
CA TYR C 33 36.61 -24.04 -10.60
C TYR C 33 37.62 -23.82 -11.71
N LYS C 34 38.07 -24.93 -12.30
CA LYS C 34 38.99 -24.88 -13.44
C LYS C 34 38.25 -25.12 -14.75
N VAL C 35 38.01 -24.05 -15.49
CA VAL C 35 37.32 -24.12 -16.77
C VAL C 35 38.06 -25.05 -17.73
N GLN C 36 37.32 -25.88 -18.46
CA GLN C 36 37.91 -26.84 -19.38
C GLN C 36 37.91 -26.33 -20.82
N THR C 37 36.80 -25.71 -21.22
CA THR C 37 36.69 -25.17 -22.57
C THR C 37 37.34 -23.79 -22.62
N THR C 38 37.24 -23.13 -23.76
CA THR C 38 37.89 -21.83 -23.95
C THR C 38 37.03 -20.68 -23.45
N VAL C 39 37.55 -19.94 -22.49
CA VAL C 39 36.87 -18.77 -21.94
C VAL C 39 36.74 -17.68 -23.00
N PRO C 40 35.49 -17.34 -23.37
CA PRO C 40 35.21 -16.31 -24.36
C PRO C 40 35.71 -14.94 -23.94
N GLU C 41 35.92 -14.07 -24.90
CA GLU C 41 36.38 -12.71 -24.64
C GLU C 41 35.26 -11.87 -24.01
N LEU C 42 35.62 -11.03 -23.04
CA LEU C 42 34.64 -10.13 -22.44
C LEU C 42 34.40 -8.95 -23.36
N GLN C 43 33.34 -9.04 -24.17
CA GLN C 43 33.01 -7.99 -25.11
C GLN C 43 32.14 -6.93 -24.46
N TYR C 44 31.99 -5.80 -25.14
CA TYR C 44 31.13 -4.73 -24.64
C TYR C 44 30.12 -4.30 -25.70
N GLU C 45 29.14 -3.53 -25.27
CA GLU C 45 28.05 -3.08 -26.13
C GLU C 45 27.28 -1.96 -25.46
N ASN C 46 26.89 -0.94 -26.23
CA ASN C 46 26.20 0.22 -25.67
C ASN C 46 24.69 0.18 -25.88
N PHE C 47 23.95 0.48 -24.82
CA PHE C 47 22.50 0.56 -24.89
C PHE C 47 21.94 1.42 -23.76
N ASP C 48 21.20 2.45 -24.14
CA ASP C 48 20.50 3.33 -23.20
C ASP C 48 21.40 3.87 -22.09
N GLY C 49 22.59 4.34 -22.45
CA GLY C 49 23.46 5.00 -21.51
C GLY C 49 24.24 4.09 -20.58
N ALA C 50 24.58 2.90 -21.05
CA ALA C 50 25.41 1.97 -20.29
C ALA C 50 26.21 1.08 -21.23
N LYS C 51 27.47 0.85 -20.90
CA LYS C 51 28.28 -0.06 -21.68
C LYS C 51 28.23 -1.45 -21.08
N PHE C 52 27.36 -2.29 -21.62
CA PHE C 52 27.19 -3.65 -21.11
C PHE C 52 28.31 -4.57 -21.53
N GLY C 53 28.96 -5.18 -20.55
CA GLY C 53 29.85 -6.28 -20.82
C GLY C 53 29.00 -7.52 -21.05
N TYR C 54 29.51 -8.45 -21.84
CA TYR C 54 28.80 -9.70 -22.07
C TYR C 54 29.76 -10.77 -22.55
N MET C 55 29.27 -12.00 -22.61
CA MET C 55 30.04 -13.13 -23.11
C MET C 55 29.15 -14.07 -23.89
N PHE C 56 29.65 -14.59 -25.01
CA PHE C 56 28.98 -15.67 -25.71
C PHE C 56 29.85 -16.92 -25.64
N TRP C 57 29.31 -17.96 -24.99
CA TRP C 57 30.05 -19.20 -24.80
C TRP C 57 29.57 -20.29 -25.75
N PRO C 58 30.34 -20.53 -26.82
CA PRO C 58 29.95 -21.50 -27.86
C PRO C 58 30.18 -22.94 -27.43
N VAL C 59 29.68 -23.87 -28.23
CA VAL C 59 29.82 -25.30 -27.95
C VAL C 59 31.23 -25.78 -28.33
N GLN C 60 31.86 -26.49 -27.40
CA GLN C 60 33.25 -26.94 -27.57
C GLN C 60 33.43 -28.36 -27.03
N ASN C 61 33.01 -29.36 -27.81
CA ASN C 61 32.95 -30.74 -27.31
C ASN C 61 33.33 -31.80 -28.34
N GLY C 62 34.13 -31.43 -29.34
CA GLY C 62 34.52 -32.38 -30.36
C GLY C 62 33.48 -32.44 -31.47
N THR C 63 32.23 -32.65 -31.08
CA THR C 63 31.10 -32.51 -32.00
C THR C 63 30.72 -31.04 -32.02
N ASN C 64 30.41 -30.48 -33.17
CA ASN C 64 30.12 -29.05 -33.24
C ASN C 64 28.64 -28.73 -33.44
N GLU C 65 27.77 -29.52 -32.83
CA GLU C 65 26.33 -29.28 -32.97
C GLU C 65 25.71 -28.66 -31.72
N VAL C 66 24.99 -27.57 -31.92
CA VAL C 66 24.29 -26.86 -30.85
C VAL C 66 22.85 -27.34 -30.72
N ARG C 67 22.45 -27.71 -29.51
CA ARG C 67 21.08 -28.12 -29.27
C ARG C 67 20.22 -26.91 -28.93
N GLY C 68 20.81 -25.96 -28.21
CA GLY C 68 20.11 -24.73 -27.86
C GLY C 68 21.02 -23.72 -27.18
N ARG C 69 20.56 -22.47 -27.12
CA ARG C 69 21.28 -21.41 -26.43
C ARG C 69 20.56 -21.09 -25.12
N VAL C 70 21.30 -20.66 -24.10
CA VAL C 70 20.69 -20.30 -22.84
C VAL C 70 21.12 -18.90 -22.39
N LEU C 71 20.17 -17.97 -22.34
CA LEU C 71 20.42 -16.64 -21.83
C LEU C 71 20.40 -16.68 -20.30
N LEU C 72 21.52 -16.30 -19.69
CA LEU C 72 21.66 -16.37 -18.24
C LEU C 72 21.55 -15.00 -17.59
N ILE C 73 20.55 -14.86 -16.72
CA ILE C 73 20.38 -13.63 -15.95
C ILE C 73 20.96 -13.81 -14.55
N HIS C 74 22.09 -13.17 -14.30
CA HIS C 74 22.80 -13.33 -13.03
C HIS C 74 22.05 -12.71 -11.86
N GLY C 75 22.51 -13.02 -10.66
CA GLY C 75 21.89 -12.48 -9.46
C GLY C 75 22.55 -11.20 -8.98
N PHE C 76 21.95 -10.59 -7.96
CA PHE C 76 22.50 -9.40 -7.31
C PHE C 76 23.91 -9.66 -6.82
N GLY C 77 24.84 -8.77 -7.15
CA GLY C 77 26.22 -8.91 -6.72
C GLY C 77 27.01 -9.95 -7.49
N GLU C 78 26.42 -10.46 -8.56
CA GLU C 78 27.10 -11.41 -9.43
C GLU C 78 27.60 -10.76 -10.71
N TYR C 79 28.28 -11.54 -11.54
CA TYR C 79 28.76 -11.10 -12.83
C TYR C 79 29.18 -12.31 -13.65
N THR C 80 29.87 -12.07 -14.76
CA THR C 80 30.19 -13.12 -15.72
C THR C 80 30.94 -14.32 -15.13
N LYS C 81 31.98 -14.07 -14.35
CA LYS C 81 32.81 -15.14 -13.83
C LYS C 81 32.03 -16.08 -12.90
N ILE C 82 31.06 -15.53 -12.17
CA ILE C 82 30.22 -16.33 -11.29
C ILE C 82 29.57 -17.50 -12.02
N GLN C 83 29.17 -17.25 -13.27
CA GLN C 83 28.48 -18.25 -14.08
C GLN C 83 29.41 -19.03 -15.00
N PHE C 84 30.72 -18.85 -14.84
CA PHE C 84 31.70 -19.56 -15.66
C PHE C 84 31.51 -21.08 -15.61
N ARG C 85 31.31 -21.57 -14.39
CA ARG C 85 31.15 -23.00 -14.13
C ARG C 85 30.02 -23.62 -14.94
N LEU C 86 28.91 -22.90 -15.03
CA LEU C 86 27.73 -23.39 -15.73
C LEU C 86 27.87 -23.29 -17.25
N MET C 87 28.37 -22.15 -17.71
CA MET C 87 28.58 -21.92 -19.14
C MET C 87 29.56 -22.93 -19.70
N ASP C 88 30.59 -23.23 -18.92
CA ASP C 88 31.60 -24.22 -19.30
C ASP C 88 30.98 -25.59 -19.51
N HIS C 89 30.20 -26.03 -18.53
CA HIS C 89 29.53 -27.33 -18.60
C HIS C 89 28.52 -27.39 -19.74
N LEU C 90 27.79 -26.30 -19.95
CA LEU C 90 26.84 -26.20 -21.05
C LEU C 90 27.54 -26.34 -22.40
N SER C 91 28.72 -25.75 -22.49
CA SER C 91 29.53 -25.85 -23.70
C SER C 91 29.86 -27.31 -24.00
N LEU C 92 30.28 -28.04 -22.97
CA LEU C 92 30.63 -29.45 -23.10
C LEU C 92 29.44 -30.32 -23.53
N ASN C 93 28.23 -29.84 -23.24
CA ASN C 93 27.04 -30.66 -23.45
C ASN C 93 26.12 -30.18 -24.57
N GLY C 94 26.64 -29.33 -25.44
CA GLY C 94 25.91 -28.95 -26.63
C GLY C 94 25.05 -27.70 -26.55
N TYR C 95 25.30 -26.86 -25.55
CA TYR C 95 24.46 -25.68 -25.37
C TYR C 95 25.28 -24.39 -25.37
N GLU C 96 24.84 -23.43 -26.16
CA GLU C 96 25.46 -22.12 -26.18
C GLU C 96 24.97 -21.29 -25.00
N SER C 97 25.85 -20.43 -24.49
CA SER C 97 25.49 -19.60 -23.34
C SER C 97 25.73 -18.14 -23.63
N PHE C 98 24.71 -17.32 -23.41
CA PHE C 98 24.87 -15.87 -23.49
C PHE C 98 24.48 -15.23 -22.17
N THR C 99 25.37 -14.41 -21.64
CA THR C 99 25.11 -13.68 -20.42
C THR C 99 25.55 -12.24 -20.58
N PHE C 100 25.28 -11.41 -19.58
CA PHE C 100 25.78 -10.05 -19.56
C PHE C 100 25.72 -9.49 -18.15
N ASP C 101 26.58 -8.52 -17.86
CA ASP C 101 26.51 -7.80 -16.60
C ASP C 101 25.39 -6.78 -16.69
N GLN C 102 24.36 -6.97 -15.88
CA GLN C 102 23.21 -6.07 -15.88
C GLN C 102 23.60 -4.68 -15.41
N ARG C 103 22.79 -3.69 -15.76
CA ARG C 103 22.99 -2.33 -15.33
C ARG C 103 23.03 -2.25 -13.80
N GLY C 104 24.07 -1.61 -13.27
CA GLY C 104 24.23 -1.49 -11.83
C GLY C 104 25.10 -2.61 -11.27
N ALA C 105 25.52 -3.52 -12.14
CA ALA C 105 26.32 -4.66 -11.69
C ALA C 105 27.57 -4.86 -12.54
N GLY C 106 28.45 -5.73 -12.07
CA GLY C 106 29.64 -6.13 -12.81
C GLY C 106 30.49 -5.02 -13.40
N VAL C 107 30.93 -5.23 -14.62
CA VAL C 107 31.77 -4.27 -15.33
C VAL C 107 30.94 -3.28 -16.15
N THR C 108 29.64 -3.50 -16.20
CA THR C 108 28.73 -2.61 -16.92
C THR C 108 28.60 -1.28 -16.19
N SER C 109 28.47 -1.35 -14.87
CA SER C 109 28.34 -0.14 -14.06
C SER C 109 29.23 -0.17 -12.83
N PRO C 110 30.53 0.09 -13.01
CA PRO C 110 31.44 0.25 -11.88
C PRO C 110 31.46 1.70 -11.40
N GLY C 111 31.94 1.94 -10.19
CA GLY C 111 32.06 3.29 -9.68
C GLY C 111 30.73 3.96 -9.38
N ARG C 112 30.48 5.11 -10.01
CA ARG C 112 29.35 5.96 -9.66
C ARG C 112 27.98 5.43 -10.09
N SER C 113 27.96 4.34 -10.85
CA SER C 113 26.68 3.80 -11.31
C SER C 113 26.42 2.41 -10.73
N LYS C 114 27.33 1.95 -9.88
CA LYS C 114 27.15 0.67 -9.21
C LYS C 114 25.88 0.69 -8.38
N GLY C 115 25.00 -0.28 -8.62
CA GLY C 115 23.75 -0.40 -7.89
C GLY C 115 22.62 0.41 -8.48
N VAL C 116 22.92 1.30 -9.42
CA VAL C 116 21.91 2.21 -9.95
C VAL C 116 21.17 1.64 -11.17
N THR C 117 19.96 1.16 -10.92
CA THR C 117 19.06 0.68 -11.96
C THR C 117 17.65 0.62 -11.37
N ASP C 118 16.67 0.26 -12.18
CA ASP C 118 15.30 0.14 -11.69
C ASP C 118 14.46 -0.83 -12.51
N GLU C 119 13.19 -0.97 -12.11
CA GLU C 119 12.24 -1.87 -12.76
C GLU C 119 12.19 -1.66 -14.27
N TYR C 120 12.26 -0.41 -14.70
CA TYR C 120 12.23 -0.08 -16.12
C TYR C 120 13.47 -0.58 -16.87
N HIS C 121 14.64 -0.27 -16.33
CA HIS C 121 15.89 -0.61 -17.02
C HIS C 121 16.16 -2.11 -17.00
N VAL C 122 15.82 -2.78 -15.91
CA VAL C 122 15.98 -4.23 -15.81
C VAL C 122 15.37 -4.95 -17.01
N PHE C 123 14.13 -4.58 -17.33
CA PHE C 123 13.39 -5.27 -18.38
C PHE C 123 13.62 -4.68 -19.77
N ASN C 124 13.86 -3.38 -19.85
CA ASN C 124 14.19 -2.77 -21.13
C ASN C 124 15.48 -3.36 -21.67
N ASP C 125 16.53 -3.29 -20.84
CA ASP C 125 17.82 -3.87 -21.18
C ASP C 125 17.68 -5.35 -21.52
N LEU C 126 16.88 -6.07 -20.74
CA LEU C 126 16.67 -7.50 -20.96
C LEU C 126 16.04 -7.76 -22.32
N GLU C 127 15.14 -6.89 -22.74
CA GLU C 127 14.53 -7.01 -24.06
C GLU C 127 15.57 -6.80 -25.15
N HIS C 128 16.57 -5.97 -24.87
CA HIS C 128 17.60 -5.66 -25.85
C HIS C 128 18.47 -6.86 -26.19
N PHE C 129 18.68 -7.75 -25.21
CA PHE C 129 19.53 -8.91 -25.41
C PHE C 129 18.73 -10.15 -25.79
N VAL C 130 17.46 -10.18 -25.40
CA VAL C 130 16.56 -11.24 -25.85
C VAL C 130 16.33 -11.10 -27.35
N GLU C 131 16.10 -9.87 -27.79
CA GLU C 131 15.93 -9.58 -29.21
C GLU C 131 17.21 -9.89 -29.98
N LYS C 132 18.34 -9.53 -29.38
CA LYS C 132 19.66 -9.83 -29.93
C LYS C 132 19.81 -11.33 -30.14
N ASN C 133 19.46 -12.10 -29.11
CA ASN C 133 19.66 -13.55 -29.12
C ASN C 133 18.67 -14.29 -30.00
N LEU C 134 17.40 -13.87 -29.98
CA LEU C 134 16.39 -14.48 -30.83
C LEU C 134 16.79 -14.37 -32.29
N SER C 135 17.41 -13.24 -32.62
CA SER C 135 17.97 -13.02 -33.94
C SER C 135 19.02 -14.09 -34.26
N GLU C 136 20.07 -14.12 -33.45
CA GLU C 136 21.20 -15.01 -33.69
C GLU C 136 20.81 -16.49 -33.61
N CYS C 137 19.76 -16.78 -32.84
CA CYS C 137 19.29 -18.16 -32.70
C CYS C 137 18.38 -18.54 -33.86
N LYS C 138 17.72 -17.55 -34.45
CA LYS C 138 16.95 -17.76 -35.67
C LYS C 138 17.89 -18.08 -36.82
N ALA C 139 18.99 -17.32 -36.90
CA ALA C 139 19.99 -17.51 -37.93
C ALA C 139 20.61 -18.90 -37.88
N LYS C 140 20.61 -19.50 -36.69
CA LYS C 140 21.13 -20.85 -36.51
C LYS C 140 20.00 -21.86 -36.33
N GLY C 141 18.76 -21.36 -36.33
CA GLY C 141 17.60 -22.22 -36.17
C GLY C 141 17.60 -22.99 -34.86
N ILE C 142 18.15 -22.38 -33.82
CA ILE C 142 18.23 -23.05 -32.52
C ILE C 142 17.32 -22.36 -31.49
N PRO C 143 16.80 -23.16 -30.54
CA PRO C 143 15.93 -22.64 -29.48
C PRO C 143 16.67 -21.79 -28.45
N LEU C 144 15.95 -20.91 -27.77
CA LEU C 144 16.55 -20.06 -26.75
C LEU C 144 15.84 -20.23 -25.41
N PHE C 145 16.58 -20.73 -24.43
CA PHE C 145 16.06 -20.89 -23.07
C PHE C 145 16.50 -19.74 -22.19
N MET C 146 15.72 -19.46 -21.14
CA MET C 146 16.06 -18.40 -20.20
C MET C 146 16.31 -18.97 -18.80
N TRP C 147 17.43 -18.60 -18.23
CA TRP C 147 17.86 -19.08 -16.92
C TRP C 147 18.22 -17.89 -16.04
N GLY C 148 17.83 -17.93 -14.77
CA GLY C 148 18.15 -16.86 -13.85
C GLY C 148 18.41 -17.35 -12.44
N HIS C 149 19.42 -16.78 -11.78
CA HIS C 149 19.67 -17.13 -10.40
C HIS C 149 19.18 -16.06 -9.44
N SER C 150 18.41 -16.45 -8.45
CA SER C 150 17.94 -15.55 -7.43
C SER C 150 17.27 -14.35 -8.01
N MET C 151 17.86 -13.21 -7.80
CA MET C 151 17.40 -11.95 -8.37
C MET C 151 17.15 -12.12 -9.87
N GLY C 152 18.11 -12.73 -10.55
CA GLY C 152 17.97 -13.04 -11.96
C GLY C 152 16.84 -14.01 -12.21
N GLY C 153 16.56 -14.87 -11.23
CA GLY C 153 15.48 -15.86 -11.35
C GLY C 153 14.12 -15.25 -11.10
N GLY C 154 14.09 -14.17 -10.32
CA GLY C 154 12.86 -13.43 -10.13
C GLY C 154 12.57 -12.68 -11.41
N ILE C 155 13.64 -12.24 -12.05
CA ILE C 155 13.56 -11.56 -13.33
C ILE C 155 13.16 -12.53 -14.45
N CYS C 156 13.70 -13.75 -14.40
CA CYS C 156 13.39 -14.77 -15.40
C CYS C 156 11.92 -15.18 -15.35
N LEU C 157 11.45 -15.49 -14.15
CA LEU C 157 10.07 -15.93 -13.95
C LEU C 157 9.08 -14.82 -14.26
N ASN C 158 9.52 -13.57 -14.08
CA ASN C 158 8.66 -12.44 -14.40
C ASN C 158 8.65 -12.12 -15.90
N TYR C 159 9.72 -12.49 -16.61
CA TYR C 159 9.72 -12.31 -18.05
C TYR C 159 8.73 -13.27 -18.67
N ALA C 160 8.57 -14.43 -18.04
CA ALA C 160 7.64 -15.45 -18.51
C ALA C 160 6.20 -14.98 -18.41
N CYS C 161 5.98 -13.94 -17.61
CA CYS C 161 4.66 -13.34 -17.44
C CYS C 161 4.49 -12.07 -18.27
N GLN C 162 5.55 -11.27 -18.37
CA GLN C 162 5.43 -9.93 -18.94
C GLN C 162 6.35 -9.67 -20.12
N GLY C 163 7.25 -10.60 -20.42
CA GLY C 163 8.21 -10.41 -21.50
C GLY C 163 7.54 -10.20 -22.84
N LYS C 164 8.07 -9.28 -23.64
CA LYS C 164 7.46 -8.94 -24.92
C LYS C 164 7.74 -10.01 -25.96
N HIS C 165 8.60 -10.96 -25.60
CA HIS C 165 8.87 -12.12 -26.43
C HIS C 165 8.79 -13.38 -25.58
N LYS C 166 7.90 -13.36 -24.60
CA LYS C 166 7.75 -14.45 -23.63
C LYS C 166 7.28 -15.75 -24.27
N ASN C 167 6.61 -15.65 -25.42
CA ASN C 167 6.12 -16.82 -26.13
C ASN C 167 7.15 -17.34 -27.12
N GLU C 168 8.24 -16.60 -27.28
CA GLU C 168 9.31 -16.99 -28.20
C GLU C 168 10.44 -17.69 -27.46
N ILE C 169 10.28 -17.84 -26.14
CA ILE C 169 11.27 -18.53 -25.32
C ILE C 169 10.88 -20.01 -25.21
N SER C 170 11.86 -20.88 -25.40
CA SER C 170 11.62 -22.33 -25.46
C SER C 170 11.28 -22.93 -24.11
N GLY C 171 11.85 -22.38 -23.04
CA GLY C 171 11.60 -22.87 -21.70
C GLY C 171 12.19 -21.92 -20.66
N TYR C 172 11.79 -22.09 -19.40
CA TYR C 172 12.23 -21.20 -18.34
C TYR C 172 12.86 -21.95 -17.17
N ILE C 173 14.03 -21.52 -16.75
CA ILE C 173 14.75 -22.17 -15.64
C ILE C 173 15.06 -21.19 -14.52
N GLY C 174 14.55 -21.48 -13.33
CA GLY C 174 14.80 -20.65 -12.17
C GLY C 174 15.74 -21.32 -11.18
N SER C 175 16.77 -20.60 -10.76
CA SER C 175 17.68 -21.10 -9.74
C SER C 175 17.57 -20.27 -8.47
N GLY C 176 17.12 -20.92 -7.39
CA GLY C 176 16.84 -20.24 -6.13
C GLY C 176 16.20 -18.87 -6.27
N PRO C 177 15.11 -18.79 -7.05
CA PRO C 177 14.54 -17.49 -7.46
C PRO C 177 14.10 -16.64 -6.27
N LEU C 178 14.48 -15.36 -6.32
CA LEU C 178 14.07 -14.43 -5.28
C LEU C 178 12.59 -14.08 -5.42
N ILE C 179 11.78 -14.74 -4.61
CA ILE C 179 10.34 -14.49 -4.60
C ILE C 179 9.98 -13.92 -3.25
N ILE C 180 10.31 -14.66 -2.19
CA ILE C 180 10.27 -14.13 -0.84
C ILE C 180 11.58 -14.49 -0.15
N LEU C 181 12.13 -13.54 0.59
CA LEU C 181 13.29 -13.81 1.40
C LEU C 181 12.97 -14.87 2.43
N HIS C 182 13.95 -15.69 2.78
CA HIS C 182 13.82 -16.63 3.87
C HIS C 182 13.78 -15.86 5.18
N PRO C 183 12.94 -16.30 6.13
CA PRO C 183 12.85 -15.62 7.44
C PRO C 183 14.21 -15.42 8.12
N HIS C 184 15.12 -16.37 7.95
CA HIS C 184 16.45 -16.26 8.54
C HIS C 184 17.18 -15.00 8.07
N THR C 185 17.09 -14.72 6.77
CA THR C 185 17.76 -13.56 6.18
C THR C 185 17.16 -12.25 6.69
N MET C 186 15.83 -12.18 6.75
CA MET C 186 15.16 -10.99 7.22
C MET C 186 15.41 -10.75 8.71
N TYR C 187 15.50 -11.84 9.48
CA TYR C 187 15.74 -11.74 10.91
C TYR C 187 17.21 -11.42 11.24
N ASN C 188 18.10 -11.71 10.30
CA ASN C 188 19.53 -11.46 10.53
C ASN C 188 20.02 -10.17 9.87
N LYS C 189 19.19 -9.62 8.99
CA LYS C 189 19.48 -8.32 8.37
C LYS C 189 18.27 -7.39 8.47
N PRO C 190 17.75 -7.18 9.69
CA PRO C 190 16.49 -6.43 9.83
C PRO C 190 16.58 -4.99 9.33
N THR C 191 17.69 -4.32 9.66
CA THR C 191 17.87 -2.92 9.31
C THR C 191 17.88 -2.66 7.80
N GLN C 192 18.09 -3.71 7.02
CA GLN C 192 18.13 -3.58 5.56
C GLN C 192 16.77 -3.20 4.98
N ILE C 193 15.74 -3.27 5.80
CA ILE C 193 14.39 -2.85 5.42
C ILE C 193 14.37 -1.35 5.07
N ILE C 194 15.42 -0.65 5.48
CA ILE C 194 15.56 0.78 5.19
C ILE C 194 15.54 1.06 3.68
N ALA C 195 15.96 0.06 2.90
CA ALA C 195 16.04 0.23 1.45
C ALA C 195 14.65 0.24 0.80
N PRO C 196 13.81 -0.80 1.04
CA PRO C 196 12.47 -0.64 0.47
C PRO C 196 11.67 0.49 1.14
N LEU C 197 12.07 0.89 2.33
CA LEU C 197 11.36 1.92 3.07
C LEU C 197 11.53 3.30 2.44
N LEU C 198 12.74 3.60 1.98
CA LEU C 198 13.09 4.94 1.55
C LEU C 198 13.36 5.07 0.05
N ALA C 199 13.10 4.00 -0.70
CA ALA C 199 13.37 3.99 -2.13
C ALA C 199 12.57 5.05 -2.89
N LYS C 200 11.34 5.29 -2.44
CA LYS C 200 10.48 6.26 -3.10
C LYS C 200 11.07 7.66 -3.00
N PHE C 201 11.61 7.98 -1.83
CA PHE C 201 12.11 9.32 -1.53
C PHE C 201 13.58 9.50 -1.87
N SER C 202 14.38 8.45 -1.66
CA SER C 202 15.80 8.53 -1.94
C SER C 202 16.27 7.29 -2.71
N PRO C 203 15.86 7.17 -3.98
CA PRO C 203 16.13 5.96 -4.77
C PRO C 203 17.62 5.63 -4.94
N ARG C 204 18.46 6.65 -5.06
CA ARG C 204 19.85 6.43 -5.46
C ARG C 204 20.84 6.35 -4.29
N VAL C 205 20.33 6.31 -3.06
CA VAL C 205 21.18 6.00 -1.93
C VAL C 205 21.76 4.60 -2.11
N ARG C 206 23.07 4.46 -1.97
CA ARG C 206 23.69 3.15 -2.09
C ARG C 206 24.10 2.61 -0.73
N ILE C 207 23.78 1.34 -0.51
CA ILE C 207 23.98 0.71 0.79
C ILE C 207 24.78 -0.58 0.65
N ASP C 208 25.68 -0.82 1.61
CA ASP C 208 26.42 -2.07 1.67
C ASP C 208 25.56 -3.12 2.38
N THR C 209 25.10 -4.10 1.61
CA THR C 209 24.11 -5.05 2.11
C THR C 209 24.75 -6.24 2.83
N GLY C 210 26.05 -6.43 2.63
CA GLY C 210 26.76 -7.52 3.27
C GLY C 210 26.49 -8.88 2.63
N LEU C 211 27.55 -9.66 2.48
CA LEU C 211 27.43 -11.01 1.94
C LEU C 211 27.20 -12.02 3.06
N ASP C 212 26.34 -12.98 2.79
CA ASP C 212 26.12 -14.10 3.72
C ASP C 212 26.78 -15.35 3.15
N LEU C 213 28.10 -15.43 3.33
CA LEU C 213 28.92 -16.49 2.75
C LEU C 213 28.46 -17.90 3.16
N LYS C 214 28.00 -18.04 4.40
CA LYS C 214 27.54 -19.32 4.91
C LYS C 214 26.20 -19.71 4.27
N GLY C 215 25.36 -18.70 4.02
CA GLY C 215 24.07 -18.94 3.42
C GLY C 215 24.16 -19.16 1.93
N ILE C 216 25.19 -18.59 1.31
CA ILE C 216 25.36 -18.66 -0.12
C ILE C 216 25.80 -20.05 -0.58
N THR C 217 26.75 -20.65 0.14
CA THR C 217 27.22 -21.99 -0.22
C THR C 217 27.78 -22.76 0.98
N SER C 218 27.72 -24.09 0.89
CA SER C 218 28.27 -24.95 1.93
C SER C 218 29.74 -25.20 1.69
N ASP C 219 30.18 -25.01 0.45
CA ASP C 219 31.57 -25.24 0.06
C ASP C 219 32.46 -24.12 0.61
N LYS C 220 33.46 -24.51 1.40
CA LYS C 220 34.32 -23.54 2.05
C LYS C 220 35.26 -22.85 1.07
N ALA C 221 35.69 -23.59 0.04
CA ALA C 221 36.64 -23.09 -0.93
C ALA C 221 36.05 -21.96 -1.78
N TYR C 222 34.73 -21.97 -1.95
CA TYR C 222 34.07 -20.93 -2.71
C TYR C 222 33.72 -19.73 -1.82
N ARG C 223 33.39 -20.02 -0.57
CA ARG C 223 33.22 -18.96 0.44
C ARG C 223 34.46 -18.10 0.49
N ALA C 224 35.61 -18.77 0.56
CA ALA C 224 36.90 -18.11 0.63
C ALA C 224 37.14 -17.23 -0.58
N PHE C 225 36.91 -17.80 -1.77
CA PHE C 225 37.03 -17.03 -3.01
C PHE C 225 36.08 -15.83 -3.01
N LEU C 226 34.85 -16.09 -2.61
CA LEU C 226 33.81 -15.06 -2.67
C LEU C 226 34.07 -13.94 -1.68
N GLY C 227 34.51 -14.31 -0.47
CA GLY C 227 34.79 -13.32 0.56
C GLY C 227 36.02 -12.49 0.24
N SER C 228 36.76 -12.90 -0.78
CA SER C 228 38.02 -12.25 -1.13
C SER C 228 37.94 -11.54 -2.48
N ASP C 229 36.97 -11.91 -3.31
CA ASP C 229 36.80 -11.33 -4.65
C ASP C 229 36.29 -9.89 -4.55
N PRO C 230 37.13 -8.92 -4.95
CA PRO C 230 36.78 -7.50 -4.92
C PRO C 230 35.57 -7.18 -5.80
N MET C 231 35.37 -7.99 -6.84
CA MET C 231 34.22 -7.83 -7.72
C MET C 231 32.93 -8.32 -7.07
N SER C 232 33.04 -8.87 -5.86
CA SER C 232 31.89 -9.42 -5.16
C SER C 232 31.70 -8.78 -3.79
N VAL C 233 32.81 -8.52 -3.11
CA VAL C 233 32.79 -7.94 -1.77
C VAL C 233 33.52 -6.60 -1.73
N PRO C 234 32.86 -5.56 -1.18
CA PRO C 234 31.47 -5.60 -0.71
C PRO C 234 30.50 -5.39 -1.87
N LEU C 235 29.24 -5.79 -1.68
CA LEU C 235 28.24 -5.59 -2.72
C LEU C 235 27.35 -4.40 -2.39
N TYR C 236 27.35 -3.40 -3.26
CA TYR C 236 26.52 -2.23 -3.06
C TYR C 236 25.26 -2.29 -3.93
N GLY C 237 24.16 -1.82 -3.38
CA GLY C 237 22.92 -1.70 -4.12
C GLY C 237 22.29 -0.35 -3.84
N SER C 238 21.50 0.14 -4.78
CA SER C 238 20.75 1.37 -4.55
C SER C 238 19.37 1.01 -3.99
N PHE C 239 18.73 1.98 -3.35
CA PHE C 239 17.44 1.75 -2.72
C PHE C 239 16.38 1.35 -3.74
N ARG C 240 16.35 2.03 -4.88
CA ARG C 240 15.38 1.73 -5.93
C ARG C 240 15.59 0.34 -6.50
N GLN C 241 16.85 -0.01 -6.75
CA GLN C 241 17.22 -1.32 -7.29
C GLN C 241 16.83 -2.45 -6.35
N ILE C 242 17.20 -2.33 -5.09
CA ILE C 242 16.87 -3.31 -4.07
C ILE C 242 15.36 -3.44 -3.93
N HIS C 243 14.70 -2.32 -3.64
CA HIS C 243 13.24 -2.23 -3.53
C HIS C 243 12.53 -2.89 -4.70
N ASP C 244 13.02 -2.63 -5.90
CA ASP C 244 12.34 -3.10 -7.10
C ASP C 244 12.45 -4.61 -7.31
N PHE C 245 13.59 -5.23 -6.98
CA PHE C 245 13.63 -6.68 -7.09
C PHE C 245 12.98 -7.33 -5.87
N MET C 246 12.84 -6.57 -4.80
CA MET C 246 12.07 -7.02 -3.64
C MET C 246 10.60 -7.11 -4.03
N GLN C 247 10.09 -6.02 -4.58
CA GLN C 247 8.71 -5.92 -5.04
C GLN C 247 8.40 -6.93 -6.14
N ARG C 248 9.31 -7.01 -7.11
CA ARG C 248 9.19 -7.91 -8.25
C ARG C 248 8.90 -9.34 -7.84
N GLY C 249 9.62 -9.82 -6.84
CA GLY C 249 9.42 -11.16 -6.32
C GLY C 249 8.14 -11.24 -5.50
N ALA C 250 7.93 -10.23 -4.66
CA ALA C 250 6.74 -10.18 -3.81
C ALA C 250 5.46 -10.20 -4.64
N LYS C 251 5.55 -9.65 -5.84
CA LYS C 251 4.43 -9.65 -6.78
C LYS C 251 3.96 -11.07 -7.11
N LEU C 252 4.94 -11.92 -7.41
CA LEU C 252 4.66 -13.32 -7.76
C LEU C 252 4.07 -14.10 -6.60
N TYR C 253 4.56 -13.82 -5.39
CA TYR C 253 4.10 -14.56 -4.21
C TYR C 253 2.64 -14.26 -3.87
N LYS C 254 2.27 -12.99 -3.94
CA LYS C 254 0.90 -12.61 -3.60
C LYS C 254 -0.05 -13.07 -4.69
N ASN C 255 0.41 -13.02 -5.94
CA ASN C 255 -0.33 -13.50 -7.10
C ASN C 255 -1.76 -12.95 -7.12
N GLU C 256 -1.87 -11.62 -7.09
CA GLU C 256 -3.17 -10.96 -7.04
C GLU C 256 -3.97 -11.21 -8.31
N ASN C 257 -5.26 -11.52 -8.12
CA ASN C 257 -6.17 -11.82 -9.22
C ASN C 257 -5.66 -12.94 -10.11
N ASN C 258 -4.92 -13.88 -9.52
CA ASN C 258 -4.28 -14.97 -10.26
C ASN C 258 -3.43 -14.44 -11.41
N TYR C 259 -2.52 -13.53 -11.07
CA TYR C 259 -1.66 -12.85 -12.03
C TYR C 259 -0.81 -13.81 -12.85
N ILE C 260 -0.42 -14.93 -12.25
CA ILE C 260 0.44 -15.90 -12.91
C ILE C 260 -0.37 -16.82 -13.83
N GLN C 261 -1.54 -17.27 -13.37
CA GLN C 261 -2.41 -18.11 -14.21
C GLN C 261 -2.81 -17.36 -15.48
N LYS C 262 -2.95 -16.04 -15.35
CA LYS C 262 -3.36 -15.19 -16.46
C LYS C 262 -2.23 -14.84 -17.42
N ASN C 263 -1.07 -14.52 -16.88
CA ASN C 263 -0.02 -13.88 -17.69
C ASN C 263 1.17 -14.77 -18.06
N PHE C 264 1.33 -15.89 -17.37
CA PHE C 264 2.43 -16.81 -17.69
C PHE C 264 2.27 -17.30 -19.13
N ALA C 265 3.35 -17.17 -19.91
CA ALA C 265 3.36 -17.54 -21.32
C ALA C 265 2.74 -18.92 -21.52
N LYS C 266 1.75 -18.98 -22.40
CA LYS C 266 0.90 -20.15 -22.56
C LYS C 266 1.67 -21.43 -22.84
N ASP C 267 1.51 -22.40 -21.93
CA ASP C 267 2.04 -23.74 -22.09
C ASP C 267 3.55 -23.80 -22.33
N LYS C 268 4.26 -22.81 -21.79
CA LYS C 268 5.72 -22.84 -21.83
C LYS C 268 6.24 -23.74 -20.72
N PRO C 269 7.33 -24.47 -20.98
CA PRO C 269 7.93 -25.34 -19.97
C PRO C 269 8.72 -24.56 -18.94
N VAL C 270 8.39 -24.71 -17.67
CA VAL C 270 9.14 -24.06 -16.61
C VAL C 270 9.61 -25.08 -15.57
N ILE C 271 10.87 -24.97 -15.16
CA ILE C 271 11.36 -25.76 -14.06
C ILE C 271 12.13 -24.84 -13.10
N ILE C 272 11.91 -25.03 -11.81
CA ILE C 272 12.67 -24.32 -10.80
C ILE C 272 13.49 -25.33 -10.02
N MET C 273 14.75 -25.02 -9.76
CA MET C 273 15.50 -25.82 -8.80
C MET C 273 16.06 -24.91 -7.73
N HIS C 274 16.10 -25.45 -6.51
CA HIS C 274 16.26 -24.66 -5.31
C HIS C 274 16.86 -25.52 -4.21
N GLY C 275 17.94 -25.05 -3.57
CA GLY C 275 18.53 -25.77 -2.47
C GLY C 275 17.57 -25.88 -1.31
N GLN C 276 17.54 -27.04 -0.66
CA GLN C 276 16.62 -27.27 0.44
C GLN C 276 17.02 -26.48 1.68
N ASP C 277 18.31 -26.20 1.80
CA ASP C 277 18.83 -25.45 2.92
C ASP C 277 19.19 -24.02 2.51
N ASP C 278 18.53 -23.55 1.46
CA ASP C 278 18.64 -22.16 1.04
C ASP C 278 17.97 -21.27 2.09
N THR C 279 18.78 -20.61 2.91
CA THR C 279 18.25 -19.72 3.93
C THR C 279 18.30 -18.26 3.49
N ILE C 280 18.61 -18.04 2.21
CA ILE C 280 18.60 -16.69 1.66
C ILE C 280 17.25 -16.41 0.99
N ASN C 281 16.89 -17.24 0.01
CA ASN C 281 15.57 -17.20 -0.56
C ASN C 281 14.74 -18.40 -0.07
N ASP C 282 13.52 -18.13 0.37
CA ASP C 282 12.66 -19.17 0.92
C ASP C 282 12.15 -20.10 -0.20
N PRO C 283 12.45 -21.40 -0.09
CA PRO C 283 11.96 -22.43 -1.01
C PRO C 283 10.44 -22.44 -1.11
N LYS C 284 9.76 -22.04 -0.03
CA LYS C 284 8.30 -21.89 -0.04
C LYS C 284 7.85 -20.99 -1.19
N GLY C 285 8.71 -20.05 -1.56
CA GLY C 285 8.44 -19.18 -2.69
C GLY C 285 8.37 -19.96 -3.99
N SER C 286 9.33 -20.86 -4.20
CA SER C 286 9.36 -21.68 -5.40
C SER C 286 8.21 -22.66 -5.43
N GLU C 287 7.88 -23.22 -4.27
CA GLU C 287 6.81 -24.20 -4.16
C GLU C 287 5.47 -23.59 -4.56
N LYS C 288 5.23 -22.36 -4.15
CA LYS C 288 3.97 -21.69 -4.43
C LYS C 288 3.86 -21.24 -5.89
N PHE C 289 4.98 -20.81 -6.47
CA PHE C 289 4.97 -20.40 -7.87
C PHE C 289 4.59 -21.56 -8.77
N ILE C 290 5.09 -22.74 -8.44
CA ILE C 290 4.80 -23.93 -9.23
C ILE C 290 3.33 -24.33 -9.10
N ARG C 291 2.81 -24.29 -7.88
CA ARG C 291 1.39 -24.57 -7.64
C ARG C 291 0.50 -23.61 -8.44
N ASP C 292 0.94 -22.37 -8.54
CA ASP C 292 0.17 -21.34 -9.24
C ASP C 292 0.29 -21.42 -10.75
N CYS C 293 1.48 -21.72 -11.24
CA CYS C 293 1.77 -21.73 -12.67
C CYS C 293 0.79 -22.60 -13.45
N PRO C 294 0.18 -22.03 -14.50
CA PRO C 294 -0.86 -22.70 -15.27
C PRO C 294 -0.32 -23.76 -16.24
N SER C 295 0.95 -23.63 -16.62
CA SER C 295 1.59 -24.52 -17.58
C SER C 295 1.53 -25.99 -17.14
N ALA C 296 1.38 -26.88 -18.12
CA ALA C 296 1.33 -28.32 -17.86
C ALA C 296 2.72 -28.88 -17.62
N ASP C 297 3.70 -28.41 -18.40
CA ASP C 297 5.08 -28.84 -18.23
C ASP C 297 5.77 -27.96 -17.19
N LYS C 298 5.55 -28.28 -15.92
CA LYS C 298 6.13 -27.49 -14.84
C LYS C 298 6.69 -28.40 -13.74
N GLU C 299 7.78 -27.96 -13.12
CA GLU C 299 8.42 -28.79 -12.11
C GLU C 299 9.27 -27.99 -11.14
N LEU C 300 9.32 -28.46 -9.89
CA LEU C 300 10.23 -27.94 -8.89
C LEU C 300 11.10 -29.07 -8.36
N LYS C 301 12.40 -28.85 -8.37
CA LYS C 301 13.33 -29.81 -7.78
C LYS C 301 14.04 -29.20 -6.58
N LEU C 302 13.89 -29.84 -5.42
CA LEU C 302 14.61 -29.44 -4.23
C LEU C 302 15.80 -30.36 -4.03
N TYR C 303 16.90 -29.80 -3.53
CA TYR C 303 18.10 -30.60 -3.31
C TYR C 303 18.54 -30.51 -1.85
N PRO C 304 18.39 -31.62 -1.12
CA PRO C 304 18.74 -31.70 0.30
C PRO C 304 20.23 -31.48 0.53
N GLY C 305 20.57 -30.57 1.44
CA GLY C 305 21.96 -30.30 1.76
C GLY C 305 22.56 -29.20 0.91
N ALA C 306 21.82 -28.77 -0.10
CA ALA C 306 22.26 -27.69 -0.96
C ALA C 306 21.75 -26.34 -0.44
N ARG C 307 22.56 -25.31 -0.62
CA ARG C 307 22.18 -23.98 -0.16
C ARG C 307 21.86 -23.07 -1.36
N HIS C 308 21.99 -21.77 -1.16
CA HIS C 308 21.52 -20.80 -2.14
C HIS C 308 22.04 -20.98 -3.57
N SER C 309 23.35 -20.76 -3.76
CA SER C 309 23.95 -20.69 -5.08
C SER C 309 24.35 -22.07 -5.63
N ILE C 310 23.37 -22.84 -6.10
CA ILE C 310 23.59 -24.23 -6.50
C ILE C 310 24.23 -24.42 -7.88
N PHE C 311 24.17 -23.39 -8.71
CA PHE C 311 24.72 -23.49 -10.07
C PHE C 311 26.09 -22.84 -10.21
N SER C 312 26.63 -22.28 -9.13
CA SER C 312 27.86 -21.50 -9.24
C SER C 312 28.88 -21.76 -8.14
N LEU C 313 28.45 -21.70 -6.89
CA LEU C 313 29.38 -21.66 -5.76
C LEU C 313 29.27 -22.86 -4.82
N GLU C 314 28.34 -23.77 -5.09
CA GLU C 314 28.17 -24.94 -4.23
C GLU C 314 29.18 -26.04 -4.59
N THR C 315 29.14 -27.13 -3.82
CA THR C 315 30.09 -28.23 -4.00
C THR C 315 29.87 -28.92 -5.34
N ASP C 316 30.93 -29.53 -5.86
CA ASP C 316 30.87 -30.30 -7.10
C ASP C 316 29.78 -31.35 -7.01
N LYS C 317 29.70 -31.98 -5.85
CA LYS C 317 28.68 -32.99 -5.57
C LYS C 317 27.27 -32.42 -5.73
N VAL C 318 27.09 -31.16 -5.31
CA VAL C 318 25.81 -30.49 -5.46
C VAL C 318 25.62 -29.97 -6.88
N PHE C 319 26.66 -29.36 -7.44
CA PHE C 319 26.56 -28.78 -8.79
C PHE C 319 26.25 -29.83 -9.84
N ASN C 320 26.72 -31.05 -9.61
CA ASN C 320 26.53 -32.14 -10.58
C ASN C 320 25.08 -32.62 -10.61
N THR C 321 24.51 -32.86 -9.43
CA THR C 321 23.10 -33.25 -9.33
C THR C 321 22.21 -32.20 -9.99
N VAL C 322 22.48 -30.94 -9.66
CA VAL C 322 21.68 -29.82 -10.13
C VAL C 322 21.84 -29.58 -11.63
N PHE C 323 23.08 -29.49 -12.11
CA PHE C 323 23.32 -29.25 -13.54
C PHE C 323 22.77 -30.37 -14.42
N ASN C 324 22.92 -31.61 -13.97
CA ASN C 324 22.47 -32.75 -14.76
C ASN C 324 20.97 -32.73 -14.97
N ASP C 325 20.23 -32.40 -13.91
CA ASP C 325 18.77 -32.31 -14.00
C ASP C 325 18.37 -31.22 -14.98
N MET C 326 19.18 -30.16 -15.05
CA MET C 326 18.92 -29.08 -15.99
C MET C 326 19.26 -29.49 -17.42
N LYS C 327 20.41 -30.14 -17.61
CA LYS C 327 20.85 -30.59 -18.91
C LYS C 327 19.88 -31.64 -19.48
N GLN C 328 19.49 -32.58 -18.63
CA GLN C 328 18.52 -33.60 -18.98
C GLN C 328 17.20 -32.96 -19.40
N TRP C 329 16.76 -31.98 -18.62
CA TRP C 329 15.56 -31.22 -18.89
C TRP C 329 15.70 -30.49 -20.23
N LEU C 330 16.87 -29.91 -20.45
CA LEU C 330 17.18 -29.23 -21.70
C LEU C 330 17.17 -30.22 -22.87
N ASP C 331 17.82 -31.37 -22.68
CA ASP C 331 17.82 -32.44 -23.67
C ASP C 331 16.40 -32.79 -24.08
N LYS C 332 15.54 -32.97 -23.07
CA LYS C 332 14.16 -33.37 -23.29
C LYS C 332 13.39 -32.37 -24.17
N HIS C 333 13.66 -31.09 -23.97
CA HIS C 333 12.95 -30.05 -24.71
C HIS C 333 13.72 -29.60 -25.94
N THR C 334 14.51 -30.51 -26.49
CA THR C 334 15.25 -30.26 -27.72
C THR C 334 15.29 -31.52 -28.58
N PRO D 30 -20.92 -11.91 16.55
CA PRO D 30 -21.56 -12.94 17.38
C PRO D 30 -20.72 -14.21 17.47
N TYR D 31 -20.36 -14.59 18.70
CA TYR D 31 -19.55 -15.78 18.95
C TYR D 31 -20.16 -17.03 18.31
N PRO D 32 -19.52 -17.54 17.26
CA PRO D 32 -20.07 -18.69 16.52
C PRO D 32 -19.93 -20.01 17.26
N TYR D 33 -19.40 -19.98 18.49
CA TYR D 33 -19.23 -21.20 19.25
C TYR D 33 -20.30 -21.37 20.32
N LYS D 34 -20.95 -22.53 20.32
CA LYS D 34 -21.93 -22.86 21.35
C LYS D 34 -21.27 -23.63 22.48
N VAL D 35 -20.99 -22.93 23.56
CA VAL D 35 -20.41 -23.56 24.74
C VAL D 35 -21.39 -24.58 25.29
N GLN D 36 -21.03 -25.86 25.19
CA GLN D 36 -21.92 -26.94 25.59
C GLN D 36 -21.97 -27.12 27.10
N THR D 37 -20.85 -26.82 27.76
CA THR D 37 -20.78 -26.81 29.21
C THR D 37 -21.20 -25.45 29.75
N THR D 38 -21.49 -25.38 31.05
CA THR D 38 -21.74 -24.09 31.67
C THR D 38 -20.49 -23.30 31.56
N VAL D 39 -20.64 -22.00 31.76
CA VAL D 39 -19.55 -21.07 31.59
C VAL D 39 -18.64 -21.18 32.84
N PRO D 40 -17.76 -20.21 33.09
CA PRO D 40 -16.58 -20.87 33.64
C PRO D 40 -16.24 -20.70 35.11
N GLU D 41 -15.76 -19.51 35.37
CA GLU D 41 -15.28 -18.99 36.61
C GLU D 41 -14.86 -17.66 36.00
N LEU D 42 -14.84 -16.57 36.76
CA LEU D 42 -14.55 -15.22 36.26
C LEU D 42 -14.26 -14.21 37.38
N GLN D 43 -12.97 -13.98 37.62
CA GLN D 43 -12.53 -13.21 38.78
C GLN D 43 -11.43 -12.26 38.45
N TYR D 44 -11.14 -11.43 39.44
CA TYR D 44 -10.02 -10.52 39.40
C TYR D 44 -9.16 -10.65 40.66
N GLU D 45 -8.06 -11.38 40.56
CA GLU D 45 -7.04 -11.30 41.58
C GLU D 45 -6.26 -10.03 41.30
N ASN D 46 -5.26 -9.77 42.13
CA ASN D 46 -4.49 -8.54 42.06
C ASN D 46 -3.01 -8.77 42.27
N PHE D 47 -2.21 -8.48 41.26
CA PHE D 47 -0.76 -8.64 41.36
C PHE D 47 0.03 -7.36 40.99
N ASP D 48 1.25 -7.27 41.53
CA ASP D 48 2.23 -6.19 41.31
C ASP D 48 1.64 -4.81 41.00
N GLY D 49 1.06 -4.65 39.81
CA GLY D 49 0.59 -3.35 39.38
C GLY D 49 -0.67 -3.34 38.53
N ALA D 50 -1.26 -4.51 38.30
CA ALA D 50 -2.48 -4.61 37.49
C ALA D 50 -3.64 -5.26 38.23
N LYS D 51 -4.76 -5.39 37.54
CA LYS D 51 -5.95 -6.07 38.07
C LYS D 51 -6.27 -7.29 37.20
N PHE D 52 -5.68 -8.43 37.54
CA PHE D 52 -5.70 -9.61 36.67
C PHE D 52 -7.02 -10.39 36.64
N GLY D 53 -7.64 -10.45 35.47
CA GLY D 53 -8.81 -11.30 35.25
C GLY D 53 -8.37 -12.72 34.98
N TYR D 54 -8.97 -13.69 35.69
CA TYR D 54 -8.50 -15.06 35.60
C TYR D 54 -9.62 -16.11 35.75
N MET D 55 -10.12 -16.60 34.63
CA MET D 55 -11.11 -17.68 34.65
C MET D 55 -10.47 -19.00 35.06
N PHE D 56 -11.28 -19.90 35.61
CA PHE D 56 -10.86 -21.27 35.86
C PHE D 56 -11.96 -22.23 35.39
N TRP D 57 -11.76 -22.86 34.24
CA TRP D 57 -12.79 -23.77 33.72
C TRP D 57 -12.70 -25.11 34.41
N PRO D 58 -13.78 -25.50 35.12
CA PRO D 58 -13.80 -26.72 35.92
C PRO D 58 -14.14 -27.97 35.11
N VAL D 59 -13.60 -29.11 35.53
CA VAL D 59 -14.00 -30.38 34.95
C VAL D 59 -15.47 -30.61 35.28
N GLN D 60 -16.29 -30.39 34.27
CA GLN D 60 -17.71 -30.47 34.41
C GLN D 60 -18.22 -31.88 34.41
N ASN D 61 -17.68 -32.73 33.55
CA ASN D 61 -18.11 -34.11 33.59
C ASN D 61 -17.16 -35.25 33.77
N GLY D 62 -17.66 -36.20 34.55
CA GLY D 62 -17.01 -37.43 34.94
C GLY D 62 -17.09 -37.40 36.43
N THR D 63 -15.93 -37.54 37.06
CA THR D 63 -15.82 -37.49 38.48
C THR D 63 -16.39 -36.17 38.92
N ARG D 67 -8.44 -35.15 34.72
CA ARG D 67 -7.17 -35.83 34.50
C ARG D 67 -5.98 -34.92 34.77
N GLY D 68 -6.20 -33.62 34.64
CA GLY D 68 -5.15 -32.64 34.87
C GLY D 68 -5.61 -31.22 34.63
N ARG D 69 -4.73 -30.26 34.93
CA ARG D 69 -5.04 -28.85 34.72
C ARG D 69 -4.14 -28.26 33.64
N VAL D 70 -4.72 -27.42 32.78
CA VAL D 70 -3.97 -26.86 31.66
C VAL D 70 -3.89 -25.34 31.75
N LEU D 71 -2.73 -24.82 32.10
CA LEU D 71 -2.50 -23.39 32.17
C LEU D 71 -2.39 -22.83 30.75
N LEU D 72 -3.23 -21.86 30.44
CA LEU D 72 -3.27 -21.29 29.09
C LEU D 72 -2.63 -19.90 29.03
N ILE D 73 -1.42 -19.84 28.48
CA ILE D 73 -0.80 -18.57 28.18
C ILE D 73 -1.26 -18.10 26.81
N HIS D 74 -2.18 -17.13 26.77
CA HIS D 74 -2.76 -16.70 25.51
C HIS D 74 -1.76 -15.90 24.68
N GLY D 75 -2.18 -15.48 23.49
CA GLY D 75 -1.32 -14.72 22.60
C GLY D 75 -1.72 -13.26 22.52
N PHE D 76 -0.90 -12.48 21.81
CA PHE D 76 -1.12 -11.04 21.67
C PHE D 76 -2.50 -10.74 21.05
N GLY D 77 -3.29 -9.92 21.74
CA GLY D 77 -4.59 -9.55 21.25
C GLY D 77 -5.67 -10.54 21.65
N GLU D 78 -5.31 -11.47 22.53
CA GLU D 78 -6.27 -12.46 23.02
C GLU D 78 -6.64 -12.19 24.47
N TYR D 79 -7.91 -12.41 24.78
CA TYR D 79 -8.39 -12.33 26.15
C TYR D 79 -8.96 -13.69 26.53
N THR D 80 -9.80 -13.74 27.55
CA THR D 80 -10.20 -15.03 28.12
C THR D 80 -11.22 -15.80 27.28
N LYS D 81 -12.05 -15.09 26.53
CA LYS D 81 -13.15 -15.72 25.80
C LYS D 81 -12.68 -16.48 24.55
N ILE D 82 -11.58 -16.03 23.96
CA ILE D 82 -11.04 -16.70 22.79
C ILE D 82 -10.64 -18.15 23.13
N GLN D 83 -10.28 -18.36 24.39
CA GLN D 83 -9.89 -19.68 24.87
C GLN D 83 -11.09 -20.52 25.31
N PHE D 84 -12.29 -19.94 25.26
CA PHE D 84 -13.52 -20.66 25.62
C PHE D 84 -13.59 -22.03 24.99
N ARG D 85 -13.66 -22.05 23.66
CA ARG D 85 -13.81 -23.26 22.86
C ARG D 85 -12.83 -24.36 23.23
N LEU D 86 -11.64 -23.98 23.70
CA LEU D 86 -10.64 -24.95 24.12
C LEU D 86 -10.84 -25.36 25.57
N MET D 87 -11.13 -24.39 26.43
CA MET D 87 -11.40 -24.67 27.83
C MET D 87 -12.68 -25.51 27.96
N ASP D 88 -13.62 -25.24 27.06
CA ASP D 88 -14.88 -25.97 27.01
C ASP D 88 -14.64 -27.45 26.76
N HIS D 89 -13.85 -27.74 25.72
CA HIS D 89 -13.57 -29.11 25.33
C HIS D 89 -12.68 -29.83 26.33
N LEU D 90 -11.80 -29.09 26.99
CA LEU D 90 -10.95 -29.66 28.04
C LEU D 90 -11.82 -30.15 29.20
N SER D 91 -12.82 -29.35 29.55
CA SER D 91 -13.75 -29.68 30.62
C SER D 91 -14.45 -31.02 30.36
N LEU D 92 -15.00 -31.16 29.15
CA LEU D 92 -15.75 -32.35 28.77
C LEU D 92 -14.94 -33.64 28.87
N ASN D 93 -13.62 -33.51 28.82
CA ASN D 93 -12.75 -34.68 28.81
C ASN D 93 -11.85 -34.76 30.05
N GLY D 94 -12.38 -34.32 31.19
CA GLY D 94 -11.66 -34.40 32.45
C GLY D 94 -10.43 -33.53 32.53
N TYR D 95 -10.53 -32.28 32.09
CA TYR D 95 -9.40 -31.37 32.18
C TYR D 95 -9.83 -29.97 32.59
N GLU D 96 -9.08 -29.39 33.50
CA GLU D 96 -9.32 -28.03 33.94
C GLU D 96 -8.38 -27.07 33.23
N SER D 97 -8.93 -26.01 32.66
CA SER D 97 -8.11 -25.03 32.01
C SER D 97 -8.02 -23.80 32.89
N PHE D 98 -6.95 -23.03 32.75
CA PHE D 98 -6.80 -21.79 33.49
C PHE D 98 -6.06 -20.76 32.68
N THR D 99 -6.80 -19.74 32.24
CA THR D 99 -6.20 -18.63 31.54
C THR D 99 -6.40 -17.34 32.32
N PHE D 100 -5.40 -16.48 32.27
CA PHE D 100 -5.51 -15.14 32.83
C PHE D 100 -5.15 -14.13 31.75
N ASP D 101 -5.81 -12.98 31.78
CA ASP D 101 -5.43 -11.89 30.89
C ASP D 101 -4.04 -11.41 31.30
N GLN D 102 -3.13 -11.33 30.34
CA GLN D 102 -1.75 -10.97 30.64
C GLN D 102 -1.56 -9.46 30.64
N ARG D 103 -0.61 -9.00 31.45
CA ARG D 103 -0.32 -7.58 31.58
C ARG D 103 -0.18 -6.91 30.22
N GLY D 104 -1.06 -5.95 29.96
CA GLY D 104 -1.09 -5.26 28.68
C GLY D 104 -2.22 -5.73 27.78
N ALA D 105 -3.01 -6.68 28.27
CA ALA D 105 -4.09 -7.25 27.47
C ALA D 105 -5.37 -7.49 28.28
N GLY D 106 -6.46 -7.75 27.56
CA GLY D 106 -7.71 -8.15 28.18
C GLY D 106 -8.32 -7.17 29.16
N VAL D 107 -8.56 -7.64 30.38
CA VAL D 107 -9.19 -6.84 31.42
C VAL D 107 -8.22 -6.55 32.55
N THR D 108 -6.96 -6.88 32.36
CA THR D 108 -5.93 -6.58 33.34
C THR D 108 -5.29 -5.23 33.02
N SER D 109 -5.54 -4.74 31.82
CA SER D 109 -4.98 -3.47 31.37
C SER D 109 -5.75 -2.92 30.17
N PRO D 110 -6.80 -2.13 30.45
CA PRO D 110 -7.59 -1.50 29.40
C PRO D 110 -7.16 -0.06 29.11
N GLY D 111 -7.67 0.52 28.04
CA GLY D 111 -7.43 1.91 27.72
C GLY D 111 -5.99 2.30 27.48
N ARG D 112 -5.39 2.97 28.46
CA ARG D 112 -4.08 3.57 28.29
C ARG D 112 -2.93 2.64 28.69
N SER D 113 -3.26 1.59 29.43
CA SER D 113 -2.26 0.62 29.86
C SER D 113 -2.20 -0.59 28.94
N LYS D 114 -3.02 -0.58 27.90
CA LYS D 114 -3.12 -1.72 27.00
C LYS D 114 -1.93 -1.81 26.06
N GLY D 115 -1.12 -2.85 26.25
CA GLY D 115 0.06 -3.06 25.44
C GLY D 115 1.33 -2.75 26.21
N VAL D 116 1.15 -2.31 27.45
CA VAL D 116 2.28 -1.88 28.28
C VAL D 116 2.77 -3.00 29.21
N THR D 117 3.88 -3.60 28.82
CA THR D 117 4.53 -4.67 29.58
C THR D 117 5.88 -4.95 28.94
N ASP D 118 6.73 -5.72 29.61
CA ASP D 118 8.02 -6.08 29.04
C ASP D 118 8.49 -7.46 29.53
N GLU D 119 9.69 -7.84 29.11
CA GLU D 119 10.25 -9.17 29.38
C GLU D 119 10.14 -9.62 30.84
N TYR D 120 10.71 -8.83 31.74
CA TYR D 120 10.69 -9.15 33.18
C TYR D 120 9.28 -9.35 33.70
N HIS D 121 8.40 -8.40 33.40
CA HIS D 121 7.06 -8.40 33.96
C HIS D 121 6.14 -9.42 33.28
N VAL D 122 6.49 -9.82 32.07
CA VAL D 122 5.74 -10.89 31.39
C VAL D 122 5.89 -12.19 32.16
N PHE D 123 7.11 -12.45 32.64
CA PHE D 123 7.41 -13.73 33.26
C PHE D 123 7.20 -13.77 34.77
N ASN D 124 7.33 -12.63 35.44
CA ASN D 124 7.05 -12.58 36.87
C ASN D 124 5.56 -12.59 37.14
N ASP D 125 4.77 -12.09 36.18
CA ASP D 125 3.32 -12.25 36.24
C ASP D 125 2.97 -13.72 36.03
N LEU D 126 3.79 -14.39 35.24
CA LEU D 126 3.58 -15.80 34.94
C LEU D 126 4.12 -16.68 36.06
N GLU D 127 5.23 -16.26 36.66
CA GLU D 127 5.80 -17.00 37.79
C GLU D 127 4.80 -17.12 38.92
N HIS D 128 4.01 -16.07 39.12
CA HIS D 128 3.06 -16.03 40.23
C HIS D 128 1.82 -16.88 39.98
N PHE D 129 1.29 -16.81 38.77
CA PHE D 129 0.09 -17.57 38.42
C PHE D 129 0.39 -19.07 38.30
N VAL D 130 1.67 -19.43 38.29
CA VAL D 130 2.06 -20.83 38.32
C VAL D 130 1.96 -21.37 39.75
N GLU D 131 2.45 -20.58 40.71
CA GLU D 131 2.36 -20.94 42.12
C GLU D 131 0.93 -21.18 42.52
N LYS D 132 0.09 -20.22 42.17
CA LYS D 132 -1.32 -20.25 42.52
C LYS D 132 -2.00 -21.51 42.00
N ASN D 133 -1.80 -21.79 40.72
CA ASN D 133 -2.39 -22.97 40.08
C ASN D 133 -1.92 -24.27 40.74
N PRO D 143 -2.02 -33.12 37.91
CA PRO D 143 -0.90 -32.58 37.12
C PRO D 143 -1.24 -31.23 36.49
N LEU D 144 -0.22 -30.40 36.33
CA LEU D 144 -0.39 -29.08 35.73
C LEU D 144 0.43 -28.95 34.45
N PHE D 145 -0.25 -28.63 33.35
CA PHE D 145 0.40 -28.48 32.06
C PHE D 145 0.44 -27.03 31.60
N MET D 146 1.45 -26.68 30.81
CA MET D 146 1.56 -25.31 30.30
C MET D 146 1.36 -25.26 28.78
N TRP D 147 0.31 -24.55 28.38
CA TRP D 147 -0.07 -24.42 26.98
C TRP D 147 0.04 -22.95 26.56
N GLY D 148 0.47 -22.70 25.33
CA GLY D 148 0.64 -21.33 24.85
C GLY D 148 0.45 -21.17 23.36
N HIS D 149 -0.33 -20.16 22.97
CA HIS D 149 -0.55 -19.87 21.56
C HIS D 149 0.20 -18.61 21.11
N SER D 150 0.85 -18.71 19.96
CA SER D 150 1.54 -17.58 19.34
C SER D 150 2.51 -16.99 20.36
N MET D 151 2.32 -15.70 20.68
CA MET D 151 3.12 -15.05 21.71
C MET D 151 3.19 -15.88 22.99
N GLY D 152 2.06 -16.46 23.36
CA GLY D 152 2.00 -17.37 24.50
C GLY D 152 2.85 -18.61 24.27
N GLY D 153 2.90 -19.06 23.02
CA GLY D 153 3.74 -20.18 22.65
C GLY D 153 5.20 -19.86 22.87
N GLY D 154 5.60 -18.67 22.45
CA GLY D 154 6.96 -18.20 22.63
C GLY D 154 7.33 -18.09 24.09
N ILE D 155 6.40 -17.62 24.90
CA ILE D 155 6.60 -17.52 26.34
C ILE D 155 6.71 -18.90 26.96
N CYS D 156 5.80 -19.78 26.57
CA CYS D 156 5.75 -21.15 27.11
C CYS D 156 7.04 -21.92 26.86
N LEU D 157 7.54 -21.85 25.63
CA LEU D 157 8.77 -22.55 25.26
C LEU D 157 9.99 -21.94 25.95
N ASN D 158 9.89 -20.66 26.29
CA ASN D 158 10.98 -19.98 26.99
C ASN D 158 10.94 -20.26 28.49
N TYR D 159 9.73 -20.47 29.00
CA TYR D 159 9.55 -20.84 30.40
C TYR D 159 10.26 -22.15 30.69
N ALA D 160 10.16 -23.08 29.73
CA ALA D 160 10.82 -24.38 29.84
C ALA D 160 12.33 -24.23 29.85
N CYS D 161 12.81 -23.07 29.42
CA CYS D 161 14.24 -22.80 29.35
C CYS D 161 14.74 -21.99 30.53
N GLN D 162 13.88 -21.12 31.07
CA GLN D 162 14.31 -20.16 32.09
C GLN D 162 13.49 -20.18 33.37
N GLY D 163 12.23 -20.61 33.27
CA GLY D 163 11.28 -20.50 34.36
C GLY D 163 11.75 -21.04 35.69
N LYS D 164 11.23 -20.48 36.78
CA LYS D 164 11.56 -20.95 38.12
C LYS D 164 11.18 -22.42 38.30
N HIS D 165 10.07 -22.82 37.70
CA HIS D 165 9.60 -24.20 37.82
C HIS D 165 9.45 -24.87 36.48
N LYS D 166 10.53 -24.84 35.70
CA LYS D 166 10.53 -25.56 34.44
C LYS D 166 10.46 -27.05 34.72
N ASN D 167 11.18 -27.49 35.75
CA ASN D 167 11.26 -28.91 36.09
C ASN D 167 10.04 -29.41 36.86
N GLU D 168 9.07 -28.54 37.10
CA GLU D 168 7.89 -28.90 37.88
C GLU D 168 6.63 -29.05 37.06
N ILE D 169 6.59 -28.37 35.91
CA ILE D 169 5.45 -28.46 35.01
C ILE D 169 5.42 -29.82 34.34
N SER D 170 4.22 -30.39 34.22
CA SER D 170 4.07 -31.74 33.66
C SER D 170 4.42 -31.81 32.17
N GLY D 171 4.01 -30.80 31.41
CA GLY D 171 4.26 -30.81 29.99
C GLY D 171 4.19 -29.45 29.34
N TYR D 172 4.79 -29.32 28.17
CA TYR D 172 4.77 -28.06 27.44
C TYR D 172 4.08 -28.23 26.09
N ILE D 173 3.01 -27.47 25.92
CA ILE D 173 2.23 -27.53 24.69
C ILE D 173 2.31 -26.18 23.97
N GLY D 174 2.79 -26.21 22.73
CA GLY D 174 2.91 -25.00 21.94
C GLY D 174 1.89 -24.94 20.82
N SER D 175 1.15 -23.84 20.75
CA SER D 175 0.13 -23.65 19.71
C SER D 175 0.59 -22.63 18.68
N GLY D 176 1.35 -23.10 17.70
CA GLY D 176 2.00 -22.23 16.75
C GLY D 176 2.78 -21.13 17.47
N PRO D 177 3.79 -21.53 18.27
CA PRO D 177 4.56 -20.55 19.03
C PRO D 177 5.23 -19.51 18.15
N LEU D 178 5.40 -18.30 18.65
CA LEU D 178 6.10 -17.26 17.90
C LEU D 178 7.60 -17.43 18.08
N ILE D 179 8.23 -18.02 17.06
CA ILE D 179 9.67 -18.16 17.02
C ILE D 179 10.21 -17.24 15.93
N ILE D 180 9.79 -17.52 14.69
CA ILE D 180 10.01 -16.58 13.60
C ILE D 180 8.68 -16.28 12.92
N LEU D 181 8.51 -15.04 12.48
CA LEU D 181 7.33 -14.69 11.71
C LEU D 181 7.45 -15.30 10.32
N HIS D 182 6.30 -15.59 9.72
CA HIS D 182 6.25 -16.09 8.35
C HIS D 182 6.50 -14.92 7.40
N PRO D 183 7.21 -15.17 6.28
CA PRO D 183 7.55 -14.11 5.32
C PRO D 183 6.37 -13.25 4.91
N HIS D 184 5.23 -13.91 4.68
CA HIS D 184 3.98 -13.23 4.33
C HIS D 184 3.67 -12.07 5.29
N THR D 185 3.68 -12.36 6.59
CA THR D 185 3.39 -11.35 7.60
C THR D 185 4.51 -10.31 7.69
N MET D 186 5.76 -10.76 7.58
CA MET D 186 6.90 -9.85 7.60
C MET D 186 6.87 -8.90 6.41
N TYR D 187 6.35 -9.38 5.29
CA TYR D 187 6.23 -8.55 4.08
C TYR D 187 5.06 -7.58 4.18
N ASN D 188 3.95 -8.04 4.75
CA ASN D 188 2.74 -7.23 4.80
C ASN D 188 2.60 -6.38 6.06
N LYS D 189 3.47 -6.61 7.04
CA LYS D 189 3.44 -5.82 8.26
C LYS D 189 4.84 -5.42 8.73
N PRO D 190 5.51 -4.53 7.97
CA PRO D 190 6.88 -4.10 8.30
C PRO D 190 7.01 -3.41 9.65
N THR D 191 5.90 -2.96 10.23
CA THR D 191 5.93 -2.32 11.55
C THR D 191 6.40 -3.32 12.61
N GLN D 192 6.13 -4.59 12.40
CA GLN D 192 6.53 -5.63 13.35
CA GLN D 192 6.53 -5.63 13.36
C GLN D 192 8.03 -5.86 13.33
N ILE D 193 8.70 -5.29 12.33
CA ILE D 193 10.16 -5.31 12.30
C ILE D 193 10.67 -3.96 12.78
N ILE D 194 10.00 -2.89 12.32
CA ILE D 194 10.38 -1.53 12.65
C ILE D 194 10.25 -1.24 14.14
N ALA D 195 9.09 -1.55 14.72
CA ALA D 195 8.83 -1.27 16.13
C ALA D 195 9.87 -1.90 17.07
N PRO D 196 10.28 -3.16 16.84
CA PRO D 196 11.38 -3.67 17.66
C PRO D 196 12.68 -2.88 17.46
N LEU D 197 12.97 -2.47 16.24
CA LEU D 197 14.21 -1.74 15.95
C LEU D 197 14.26 -0.37 16.63
N LEU D 198 13.10 0.19 16.93
CA LEU D 198 13.02 1.53 17.52
C LEU D 198 12.71 1.51 19.01
N ALA D 199 12.40 0.32 19.54
CA ALA D 199 11.90 0.18 20.90
C ALA D 199 12.81 0.77 21.97
N LYS D 200 14.12 0.68 21.78
CA LYS D 200 15.05 1.22 22.76
C LYS D 200 14.93 2.74 22.86
N PHE D 201 14.59 3.37 21.73
CA PHE D 201 14.52 4.82 21.68
C PHE D 201 13.15 5.38 22.09
N SER D 202 12.09 4.66 21.77
CA SER D 202 10.74 5.07 22.14
C SER D 202 9.85 3.88 22.51
N PRO D 203 10.07 3.30 23.70
CA PRO D 203 9.43 2.07 24.17
C PRO D 203 7.97 2.23 24.53
N ARG D 204 7.50 3.46 24.69
CA ARG D 204 6.13 3.70 25.12
C ARG D 204 5.17 3.92 23.96
N VAL D 205 5.71 4.14 22.76
CA VAL D 205 4.88 4.27 21.57
C VAL D 205 4.02 3.02 21.41
N ARG D 206 2.72 3.21 21.26
CA ARG D 206 1.80 2.10 21.14
C ARG D 206 1.28 1.98 19.72
N ILE D 207 1.14 0.75 19.25
CA ILE D 207 0.81 0.50 17.85
C ILE D 207 -0.42 -0.39 17.70
N ASP D 208 -1.12 -0.22 16.58
CA ASP D 208 -2.26 -1.07 16.26
C ASP D 208 -2.21 -1.48 14.80
N THR D 209 -1.72 -2.69 14.56
CA THR D 209 -1.55 -3.18 13.19
C THR D 209 -2.84 -3.83 12.70
N GLY D 210 -3.77 -4.05 13.62
CA GLY D 210 -5.06 -4.65 13.27
C GLY D 210 -5.00 -6.16 13.21
N LEU D 211 -5.95 -6.77 12.50
CA LEU D 211 -6.03 -8.22 12.42
C LEU D 211 -5.96 -8.72 10.97
N ASP D 212 -5.09 -9.68 10.72
CA ASP D 212 -5.01 -10.36 9.44
C ASP D 212 -5.96 -11.55 9.42
N LEU D 213 -7.26 -11.27 9.37
CA LEU D 213 -8.31 -12.27 9.54
C LEU D 213 -8.16 -13.50 8.63
N LYS D 214 -7.73 -13.29 7.40
CA LYS D 214 -7.54 -14.40 6.47
C LYS D 214 -6.42 -15.31 6.94
N GLY D 215 -5.34 -14.72 7.45
CA GLY D 215 -4.20 -15.47 7.94
C GLY D 215 -4.44 -16.06 9.31
N ILE D 216 -5.34 -15.44 10.07
CA ILE D 216 -5.68 -15.93 11.40
C ILE D 216 -6.46 -17.22 11.35
N THR D 217 -7.50 -17.27 10.51
CA THR D 217 -8.34 -18.45 10.42
C THR D 217 -8.95 -18.63 9.03
N SER D 218 -9.56 -19.80 8.81
CA SER D 218 -10.11 -20.12 7.50
C SER D 218 -11.63 -20.11 7.47
N ASP D 219 -12.26 -20.19 8.64
CA ASP D 219 -13.72 -20.19 8.65
C ASP D 219 -14.22 -18.77 8.86
N LYS D 220 -15.21 -18.39 8.06
CA LYS D 220 -15.65 -17.00 8.00
C LYS D 220 -16.53 -16.61 9.16
N ALA D 221 -17.00 -17.61 9.91
CA ALA D 221 -17.83 -17.35 11.08
C ALA D 221 -17.01 -16.65 12.18
N TYR D 222 -15.87 -17.23 12.54
CA TYR D 222 -15.00 -16.66 13.54
C TYR D 222 -14.32 -15.38 13.04
N ARG D 223 -14.10 -15.31 11.73
CA ARG D 223 -13.56 -14.11 11.10
C ARG D 223 -14.43 -12.90 11.39
N ALA D 224 -15.70 -13.00 10.99
CA ALA D 224 -16.67 -11.95 11.20
C ALA D 224 -16.82 -11.63 12.69
N PHE D 225 -16.74 -12.67 13.52
CA PHE D 225 -16.82 -12.51 14.95
C PHE D 225 -15.69 -11.65 15.51
N LEU D 226 -14.46 -12.06 15.25
CA LEU D 226 -13.28 -11.45 15.86
C LEU D 226 -13.08 -10.02 15.41
N GLY D 227 -13.41 -9.75 14.15
CA GLY D 227 -13.25 -8.42 13.58
C GLY D 227 -14.24 -7.40 14.13
N SER D 228 -15.23 -7.89 14.88
CA SER D 228 -16.25 -7.01 15.45
C SER D 228 -16.23 -7.02 16.97
N ASP D 229 -15.48 -7.96 17.55
CA ASP D 229 -15.39 -8.05 19.01
C ASP D 229 -14.61 -6.87 19.58
N PRO D 230 -15.29 -6.06 20.42
CA PRO D 230 -14.73 -4.84 21.01
C PRO D 230 -13.63 -5.10 22.04
N MET D 231 -13.36 -6.37 22.34
CA MET D 231 -12.23 -6.73 23.17
C MET D 231 -11.04 -7.09 22.29
N SER D 232 -11.33 -7.40 21.02
CA SER D 232 -10.29 -7.70 20.05
C SER D 232 -9.86 -6.45 19.30
N VAL D 233 -10.79 -5.49 19.21
CA VAL D 233 -10.53 -4.19 18.60
C VAL D 233 -10.88 -3.10 19.58
N PRO D 234 -9.96 -2.16 19.84
CA PRO D 234 -8.62 -2.04 19.26
C PRO D 234 -7.57 -2.88 20.00
N LEU D 235 -6.50 -3.24 19.31
CA LEU D 235 -5.41 -4.00 19.92
C LEU D 235 -4.11 -3.20 19.88
N TYR D 236 -3.66 -2.74 21.04
CA TYR D 236 -2.46 -1.91 21.11
C TYR D 236 -1.28 -2.64 21.71
N GLY D 237 -0.11 -2.41 21.12
CA GLY D 237 1.14 -2.95 21.64
C GLY D 237 2.20 -1.88 21.70
N SER D 238 2.89 -1.80 22.83
CA SER D 238 4.00 -0.87 22.96
C SER D 238 5.20 -1.38 22.17
N PHE D 239 6.10 -0.48 21.81
CA PHE D 239 7.31 -0.89 21.09
C PHE D 239 8.13 -1.86 21.93
N ARG D 240 8.16 -1.64 23.24
CA ARG D 240 8.91 -2.49 24.15
C ARG D 240 8.29 -3.88 24.25
N GLN D 241 6.97 -3.93 24.36
CA GLN D 241 6.27 -5.21 24.41
C GLN D 241 6.54 -6.03 23.15
N ILE D 242 6.34 -5.41 21.99
CA ILE D 242 6.52 -6.09 20.72
C ILE D 242 7.97 -6.48 20.50
N HIS D 243 8.90 -5.59 20.82
CA HIS D 243 10.33 -5.91 20.71
C HIS D 243 10.68 -7.15 21.49
N ASP D 244 10.21 -7.19 22.73
CA ASP D 244 10.61 -8.25 23.66
C ASP D 244 10.09 -9.63 23.27
N PHE D 245 8.85 -9.74 22.78
CA PHE D 245 8.39 -11.06 22.37
C PHE D 245 8.86 -11.40 20.95
N MET D 246 9.23 -10.38 20.18
CA MET D 246 9.93 -10.60 18.92
C MET D 246 11.30 -11.17 19.22
N GLN D 247 11.92 -10.67 20.28
CA GLN D 247 13.30 -11.02 20.62
C GLN D 247 13.43 -12.43 21.20
N ARG D 248 12.59 -12.76 22.17
CA ARG D 248 12.67 -14.08 22.80
C ARG D 248 12.27 -15.17 21.82
N GLY D 249 11.43 -14.82 20.85
CA GLY D 249 11.08 -15.74 19.79
C GLY D 249 12.27 -15.97 18.89
N ALA D 250 12.97 -14.88 18.57
CA ALA D 250 14.12 -14.94 17.69
C ALA D 250 15.32 -15.57 18.37
N LYS D 251 15.45 -15.36 19.68
CA LYS D 251 16.52 -15.93 20.47
C LYS D 251 16.53 -17.46 20.35
N LEU D 252 15.34 -18.05 20.36
CA LEU D 252 15.21 -19.50 20.23
C LEU D 252 15.64 -19.95 18.83
N TYR D 253 15.20 -19.21 17.82
CA TYR D 253 15.51 -19.57 16.44
C TYR D 253 17.01 -19.45 16.16
N LYS D 254 17.62 -18.39 16.68
CA LYS D 254 19.05 -18.18 16.53
C LYS D 254 19.83 -19.28 17.24
N ASN D 255 19.38 -19.61 18.45
CA ASN D 255 19.98 -20.67 19.28
C ASN D 255 21.49 -20.53 19.38
N GLU D 256 21.94 -19.33 19.72
CA GLU D 256 23.37 -19.04 19.84
C GLU D 256 23.98 -19.79 21.02
N ASN D 257 25.08 -20.47 20.78
CA ASN D 257 25.78 -21.25 21.80
C ASN D 257 24.87 -22.23 22.52
N ASN D 258 23.98 -22.86 21.76
CA ASN D 258 23.11 -23.92 22.26
C ASN D 258 22.31 -23.57 23.53
N TYR D 259 21.65 -22.43 23.50
CA TYR D 259 20.83 -21.99 24.63
C TYR D 259 19.73 -23.00 24.95
N ILE D 260 19.10 -23.52 23.90
CA ILE D 260 18.00 -24.47 24.06
C ILE D 260 18.48 -25.80 24.63
N GLN D 261 19.62 -26.29 24.15
CA GLN D 261 20.14 -27.58 24.62
C GLN D 261 20.62 -27.53 26.08
N LYS D 262 20.96 -26.34 26.56
CA LYS D 262 21.56 -26.18 27.88
C LYS D 262 20.58 -25.78 28.97
N ASN D 263 19.48 -25.16 28.55
CA ASN D 263 18.54 -24.56 29.50
C ASN D 263 17.14 -25.15 29.48
N PHE D 264 16.79 -25.84 28.40
CA PHE D 264 15.55 -26.60 28.38
C PHE D 264 15.42 -27.54 29.57
N ALA D 265 14.19 -27.67 30.08
CA ALA D 265 13.87 -28.56 31.19
C ALA D 265 14.33 -29.98 30.86
N LYS D 266 15.06 -30.61 31.80
CA LYS D 266 15.81 -31.86 31.54
C LYS D 266 15.17 -32.73 30.46
N ASP D 267 14.14 -33.46 30.84
CA ASP D 267 13.41 -34.33 29.92
C ASP D 267 11.90 -34.13 30.02
N LYS D 268 11.44 -32.88 29.91
CA LYS D 268 10.01 -32.58 30.00
C LYS D 268 9.31 -32.81 28.66
N PRO D 269 8.08 -33.35 28.71
CA PRO D 269 7.27 -33.63 27.52
C PRO D 269 6.90 -32.37 26.76
N VAL D 270 7.27 -32.30 25.48
CA VAL D 270 6.87 -31.17 24.67
C VAL D 270 6.26 -31.61 23.36
N ILE D 271 5.24 -30.87 22.96
CA ILE D 271 4.60 -31.11 21.71
C ILE D 271 4.16 -29.77 21.14
N ILE D 272 4.49 -29.56 19.87
CA ILE D 272 4.10 -28.34 19.19
C ILE D 272 3.10 -28.66 18.10
N MET D 273 1.91 -28.07 18.22
CA MET D 273 0.91 -28.15 17.16
C MET D 273 0.94 -26.85 16.40
N HIS D 274 0.98 -26.96 15.08
CA HIS D 274 1.18 -25.80 14.23
C HIS D 274 0.46 -26.00 12.90
N GLY D 275 -0.36 -25.01 12.53
CA GLY D 275 -1.07 -25.07 11.26
C GLY D 275 -0.11 -25.06 10.10
N GLN D 276 -0.30 -25.97 9.16
CA GLN D 276 0.54 -26.04 7.97
C GLN D 276 0.47 -24.73 7.20
N ASP D 277 -0.72 -24.15 7.15
CA ASP D 277 -0.92 -22.91 6.40
C ASP D 277 -0.84 -21.69 7.30
N ASP D 278 -0.26 -21.84 8.50
CA ASP D 278 -0.04 -20.69 9.37
C ASP D 278 0.90 -19.73 8.66
N THR D 279 0.34 -18.60 8.23
CA THR D 279 1.10 -17.59 7.52
C THR D 279 1.43 -16.41 8.43
N ILE D 280 1.13 -16.57 9.72
CA ILE D 280 1.48 -15.58 10.72
C ILE D 280 2.78 -15.97 11.40
N ASN D 281 2.80 -17.14 12.04
CA ASN D 281 4.03 -17.71 12.54
C ASN D 281 4.49 -18.85 11.63
N ASP D 282 5.79 -18.88 11.34
CA ASP D 282 6.32 -19.86 10.40
C ASP D 282 6.55 -21.21 11.07
N PRO D 283 5.98 -22.28 10.49
CA PRO D 283 6.23 -23.66 10.92
C PRO D 283 7.72 -23.99 10.92
N LYS D 284 8.49 -23.28 10.09
CA LYS D 284 9.95 -23.39 10.08
C LYS D 284 10.53 -23.30 11.49
N GLY D 285 9.99 -22.37 12.28
CA GLY D 285 10.46 -22.16 13.63
C GLY D 285 10.23 -23.35 14.54
N SER D 286 9.03 -23.91 14.50
CA SER D 286 8.71 -25.07 15.30
C SER D 286 9.51 -26.28 14.88
N GLU D 287 9.75 -26.39 13.57
CA GLU D 287 10.54 -27.48 13.03
C GLU D 287 11.98 -27.41 13.52
N LYS D 288 12.54 -26.21 13.56
CA LYS D 288 13.91 -26.05 14.02
C LYS D 288 14.02 -26.18 15.54
N PHE D 289 12.97 -25.76 16.25
CA PHE D 289 12.97 -25.88 17.71
C PHE D 289 13.02 -27.35 18.13
N ILE D 290 12.08 -28.13 17.60
CA ILE D 290 11.97 -29.55 17.91
C ILE D 290 13.28 -30.28 17.57
N ARG D 291 13.97 -29.80 16.54
CA ARG D 291 15.29 -30.32 16.19
C ARG D 291 16.33 -29.98 17.25
N ASP D 292 16.31 -28.74 17.73
CA ASP D 292 17.31 -28.27 18.68
C ASP D 292 17.06 -28.78 20.10
N CYS D 293 15.82 -29.11 20.42
CA CYS D 293 15.44 -29.49 21.78
C CYS D 293 16.04 -30.84 22.20
N PRO D 294 16.57 -30.90 23.44
CA PRO D 294 17.25 -32.09 23.96
C PRO D 294 16.31 -33.12 24.62
N SER D 295 15.10 -32.70 24.98
CA SER D 295 14.15 -33.59 25.64
C SER D 295 13.86 -34.83 24.79
N ALA D 296 14.00 -36.00 25.42
CA ALA D 296 13.78 -37.26 24.72
C ALA D 296 12.30 -37.53 24.48
N ASP D 297 11.44 -36.70 25.05
CA ASP D 297 10.00 -36.82 24.82
C ASP D 297 9.50 -35.55 24.14
N LYS D 298 9.84 -35.40 22.86
CA LYS D 298 9.48 -34.22 22.09
C LYS D 298 8.78 -34.62 20.80
N GLU D 299 7.87 -33.75 20.33
CA GLU D 299 7.11 -34.04 19.12
C GLU D 299 6.57 -32.78 18.46
N LEU D 300 6.57 -32.77 17.12
CA LEU D 300 5.95 -31.71 16.36
C LEU D 300 4.78 -32.25 15.55
N LYS D 301 3.67 -31.52 15.53
CA LYS D 301 2.55 -31.89 14.68
C LYS D 301 2.13 -30.74 13.76
N LEU D 302 2.13 -31.01 12.46
CA LEU D 302 1.69 -30.05 11.47
C LEU D 302 0.32 -30.46 10.94
N TYR D 303 -0.54 -29.48 10.72
CA TYR D 303 -1.91 -29.78 10.31
C TYR D 303 -2.24 -29.18 8.95
N PRO D 304 -2.32 -30.05 7.93
CA PRO D 304 -2.66 -29.66 6.55
C PRO D 304 -3.96 -28.88 6.50
N GLY D 305 -3.96 -27.75 5.80
CA GLY D 305 -5.17 -26.95 5.64
C GLY D 305 -5.45 -25.99 6.78
N ALA D 306 -4.84 -26.24 7.92
CA ALA D 306 -5.07 -25.42 9.11
C ALA D 306 -4.21 -24.16 9.11
N ARG D 307 -4.63 -23.14 9.86
CA ARG D 307 -3.93 -21.87 9.87
C ARG D 307 -3.39 -21.50 11.25
N HIS D 308 -3.43 -20.22 11.59
CA HIS D 308 -2.74 -19.72 12.79
C HIS D 308 -3.44 -20.11 14.09
N SER D 309 -4.68 -19.66 14.27
CA SER D 309 -5.43 -19.93 15.49
C SER D 309 -6.13 -21.28 15.39
N ILE D 310 -5.36 -22.36 15.49
CA ILE D 310 -5.92 -23.70 15.37
C ILE D 310 -6.81 -24.09 16.55
N PHE D 311 -6.41 -23.71 17.75
CA PHE D 311 -7.11 -24.13 18.96
C PHE D 311 -8.31 -23.26 19.34
N SER D 312 -8.59 -22.23 18.54
CA SER D 312 -9.63 -21.27 18.94
C SER D 312 -10.53 -20.76 17.81
N LEU D 313 -9.95 -20.10 16.82
CA LEU D 313 -10.74 -19.40 15.81
C LEU D 313 -10.91 -20.21 14.51
N GLU D 314 -10.46 -21.46 14.53
CA GLU D 314 -10.43 -22.28 13.32
C GLU D 314 -11.72 -23.10 13.16
N THR D 315 -11.80 -23.87 12.07
CA THR D 315 -12.97 -24.71 11.82
C THR D 315 -13.10 -25.80 12.87
N ASP D 316 -14.31 -26.36 12.97
CA ASP D 316 -14.54 -27.47 13.88
C ASP D 316 -13.72 -28.68 13.46
N LYS D 317 -13.67 -28.92 12.15
CA LYS D 317 -12.87 -30.02 11.61
C LYS D 317 -11.42 -29.91 12.07
N VAL D 318 -10.80 -28.77 11.81
CA VAL D 318 -9.43 -28.55 12.26
C VAL D 318 -9.32 -28.61 13.77
N PHE D 319 -10.21 -27.92 14.48
CA PHE D 319 -10.12 -27.88 15.94
C PHE D 319 -10.22 -29.27 16.55
N ASN D 320 -11.16 -30.07 16.08
CA ASN D 320 -11.37 -31.41 16.61
C ASN D 320 -10.12 -32.27 16.54
N THR D 321 -9.58 -32.44 15.33
CA THR D 321 -8.38 -33.26 15.14
C THR D 321 -7.17 -32.66 15.84
N VAL D 322 -7.16 -31.34 15.99
CA VAL D 322 -6.09 -30.68 16.72
C VAL D 322 -6.25 -30.92 18.22
N PHE D 323 -7.47 -30.72 18.71
CA PHE D 323 -7.76 -30.92 20.13
C PHE D 323 -7.65 -32.38 20.53
N ASN D 324 -8.05 -33.27 19.62
CA ASN D 324 -7.97 -34.70 19.88
C ASN D 324 -6.53 -35.15 20.10
N ASP D 325 -5.63 -34.59 19.31
CA ASP D 325 -4.20 -34.86 19.49
C ASP D 325 -3.71 -34.34 20.84
N MET D 326 -4.13 -33.13 21.19
CA MET D 326 -3.81 -32.57 22.49
C MET D 326 -4.47 -33.39 23.59
N LYS D 327 -5.73 -33.78 23.38
CA LYS D 327 -6.46 -34.58 24.35
C LYS D 327 -5.80 -35.94 24.54
N GLN D 328 -5.32 -36.53 23.45
CA GLN D 328 -4.66 -37.83 23.49
C GLN D 328 -3.25 -37.74 24.08
N TRP D 329 -2.50 -36.72 23.66
CA TRP D 329 -1.16 -36.50 24.17
C TRP D 329 -1.22 -36.25 25.68
N LEU D 330 -2.29 -35.61 26.14
CA LEU D 330 -2.49 -35.35 27.56
C LEU D 330 -2.82 -36.63 28.32
N ASP D 331 -3.78 -37.40 27.80
CA ASP D 331 -4.17 -38.67 28.40
C ASP D 331 -2.97 -39.59 28.54
N LYS D 332 -2.15 -39.61 27.49
CA LYS D 332 -0.92 -40.38 27.46
C LYS D 332 0.01 -40.00 28.61
N HIS D 333 -0.07 -38.74 29.03
CA HIS D 333 0.79 -38.22 30.08
C HIS D 333 0.04 -38.09 31.42
N THR D 334 -1.14 -38.69 31.50
CA THR D 334 -1.90 -38.68 32.76
C THR D 334 -2.51 -40.05 33.03
#